data_1EWH
#
_entry.id   1EWH
#
_cell.length_a   76.450
_cell.length_b   94.300
_cell.length_c   119.900
_cell.angle_alpha   90.00
_cell.angle_beta   90.00
_cell.angle_gamma   90.00
#
_symmetry.space_group_name_H-M   'P 21 21 21'
#
loop_
_entity.id
_entity.type
_entity.pdbx_description
1 polymer 'CYTOCHROME F'
2 non-polymer 'HEME C'
3 non-polymer 'ACETATE ION'
4 water water
#
_entity_poly.entity_id   1
_entity_poly.type   'polypeptide(L)'
_entity_poly.pdbx_seq_one_letter_code
;YPVFAQQNYANPREANGRIVCANCHLAQKAVEIEVPQAVLPDTVFEAVIELPYDKQVKQVLANGKKGDLNVGMVLILPEG
FELAPPDRVPAEIKEKVGNLYYQPYSPEQKNILVVGPVPGKKYSEMVVPILSPDPAKNKNVSYLKYPIYFGGNRGRGQVY
PDGKKSNNTIYNASAAGKIVAITALSEKKGGFEVSIEKANGEVVVDKIPAGPDLIVKEGQTVQADQPLTNNPNVGGFGQA
ETEIVLQNPAR
;
_entity_poly.pdbx_strand_id   A,B,C
#
loop_
_chem_comp.id
_chem_comp.type
_chem_comp.name
_chem_comp.formula
ACT non-polymer 'ACETATE ION' 'C2 H3 O2 -1'
HEC non-polymer 'HEME C' 'C34 H34 Fe N4 O4'
#
# COMPACT_ATOMS: atom_id res chain seq x y z
N TYR A 1 16.81 11.95 6.47
CA TYR A 1 17.14 12.88 5.35
C TYR A 1 17.38 14.26 5.88
N PRO A 2 18.18 15.05 5.16
CA PRO A 2 18.40 16.40 5.65
C PRO A 2 17.03 17.08 5.77
N VAL A 3 16.15 16.82 4.81
CA VAL A 3 14.83 17.45 4.88
C VAL A 3 14.16 17.13 6.23
N PHE A 4 14.40 15.92 6.75
CA PHE A 4 13.81 15.57 8.03
C PHE A 4 14.43 16.44 9.13
N ALA A 5 15.70 16.79 8.99
CA ALA A 5 16.37 17.61 10.01
C ALA A 5 15.74 18.98 9.99
N GLN A 6 15.72 19.56 8.80
CA GLN A 6 15.17 20.89 8.56
C GLN A 6 13.72 21.03 8.99
N GLN A 7 12.91 20.00 8.73
CA GLN A 7 11.49 20.03 9.07
C GLN A 7 11.18 19.90 10.55
N ASN A 8 12.12 19.36 11.33
CA ASN A 8 11.83 19.15 12.74
C ASN A 8 12.87 19.66 13.72
N TYR A 9 13.88 20.35 13.22
CA TYR A 9 14.92 20.88 14.07
C TYR A 9 15.37 22.25 13.56
N ALA A 10 15.14 23.29 14.36
CA ALA A 10 15.53 24.63 13.98
C ALA A 10 17.04 24.71 13.82
N ASN A 11 17.80 24.01 14.67
CA ASN A 11 19.25 24.04 14.55
C ASN A 11 19.84 22.64 14.54
N PRO A 12 20.59 22.29 13.48
CA PRO A 12 21.24 20.99 13.29
C PRO A 12 22.33 20.60 14.30
N ARG A 13 22.91 21.58 15.00
CA ARG A 13 23.93 21.27 15.97
C ARG A 13 23.44 21.66 17.35
N GLU A 14 23.62 20.78 18.32
CA GLU A 14 23.19 21.06 19.69
C GLU A 14 24.35 21.55 20.52
N ALA A 15 24.03 22.05 21.72
CA ALA A 15 24.99 22.59 22.66
C ALA A 15 26.25 21.76 22.84
N ASN A 16 26.07 20.48 23.07
CA ASN A 16 27.18 19.56 23.29
C ASN A 16 27.92 19.23 22.00
N GLY A 17 27.44 19.77 20.89
CA GLY A 17 28.11 19.54 19.63
C GLY A 17 27.56 18.42 18.75
N ARG A 18 26.63 17.62 19.25
CA ARG A 18 26.11 16.55 18.41
C ARG A 18 25.18 17.11 17.34
N ILE A 19 25.22 16.50 16.15
CA ILE A 19 24.39 16.89 15.01
C ILE A 19 23.09 16.10 15.10
N VAL A 20 21.98 16.74 14.82
CA VAL A 20 20.71 16.07 14.97
C VAL A 20 20.41 14.86 14.08
N CYS A 21 21.22 14.62 13.04
CA CYS A 21 21.01 13.46 12.19
C CYS A 21 21.14 12.26 13.13
N ALA A 22 22.04 12.38 14.10
CA ALA A 22 22.30 11.32 15.07
C ALA A 22 21.10 10.89 15.90
N ASN A 23 20.03 11.69 15.91
CA ASN A 23 18.87 11.27 16.68
C ASN A 23 18.05 10.23 15.94
N CYS A 24 18.39 9.99 14.67
CA CYS A 24 17.66 9.00 13.89
C CYS A 24 18.61 7.99 13.26
N HIS A 25 19.78 8.46 12.82
CA HIS A 25 20.80 7.61 12.23
C HIS A 25 21.68 7.23 13.45
N LEU A 26 21.22 6.18 14.12
CA LEU A 26 21.78 5.68 15.36
C LEU A 26 23.10 4.93 15.38
N ALA A 27 23.67 4.67 14.21
CA ALA A 27 24.96 3.98 14.14
C ALA A 27 26.00 5.01 13.74
N GLN A 28 27.20 4.87 14.30
CA GLN A 28 28.30 5.78 14.03
C GLN A 28 29.25 5.22 12.98
N LYS A 29 29.64 6.06 12.03
CA LYS A 29 30.60 5.71 10.99
C LYS A 29 31.37 6.97 10.65
N ALA A 30 32.68 6.86 10.76
CA ALA A 30 33.59 7.96 10.51
C ALA A 30 33.35 8.70 9.21
N VAL A 31 33.66 9.99 9.24
CA VAL A 31 33.56 10.81 8.06
C VAL A 31 34.82 11.66 8.11
N GLU A 32 35.12 12.34 7.01
CA GLU A 32 36.29 13.19 6.97
C GLU A 32 35.93 14.47 6.24
N ILE A 33 36.64 15.54 6.58
CA ILE A 33 36.43 16.81 5.93
C ILE A 33 37.74 17.55 5.91
N GLU A 34 38.03 18.19 4.79
CA GLU A 34 39.25 18.95 4.68
C GLU A 34 38.98 20.29 4.02
N VAL A 35 39.52 21.36 4.61
CA VAL A 35 39.42 22.69 4.03
C VAL A 35 40.81 23.26 4.14
N PRO A 36 41.11 24.34 3.40
CA PRO A 36 42.46 24.94 3.47
C PRO A 36 42.68 25.48 4.89
N GLN A 37 43.93 25.54 5.34
CA GLN A 37 44.23 26.02 6.68
C GLN A 37 43.89 27.49 6.83
N ALA A 38 43.95 28.22 5.73
CA ALA A 38 43.68 29.63 5.78
C ALA A 38 43.09 30.11 4.47
N VAL A 39 42.33 31.20 4.52
CA VAL A 39 41.74 31.78 3.33
C VAL A 39 41.65 33.30 3.45
N LEU A 40 41.79 33.98 2.32
CA LEU A 40 41.71 35.43 2.27
C LEU A 40 40.23 35.77 2.25
N PRO A 41 39.86 36.98 2.68
CA PRO A 41 38.44 37.34 2.68
C PRO A 41 37.83 37.35 1.26
N ASP A 42 36.52 37.16 1.20
CA ASP A 42 35.78 37.16 -0.05
C ASP A 42 36.45 36.34 -1.16
N THR A 43 36.88 35.13 -0.82
CA THR A 43 37.48 34.25 -1.82
C THR A 43 36.81 32.85 -1.73
N VAL A 44 36.76 32.16 -2.87
CA VAL A 44 36.17 30.84 -2.91
C VAL A 44 37.22 29.78 -2.57
N PHE A 45 36.82 28.80 -1.77
CA PHE A 45 37.71 27.71 -1.39
C PHE A 45 36.90 26.42 -1.33
N GLU A 46 37.58 25.29 -1.20
CA GLU A 46 36.88 24.01 -1.20
C GLU A 46 36.85 23.26 0.11
N ALA A 47 35.72 22.63 0.38
CA ALA A 47 35.54 21.77 1.52
C ALA A 47 35.39 20.39 0.86
N VAL A 48 36.33 19.50 1.11
CA VAL A 48 36.30 18.15 0.56
C VAL A 48 35.85 17.23 1.70
N ILE A 49 34.72 16.58 1.51
CA ILE A 49 34.20 15.69 2.53
C ILE A 49 34.16 14.26 2.02
N GLU A 50 34.27 13.32 2.94
CA GLU A 50 34.26 11.91 2.59
C GLU A 50 33.37 11.12 3.54
N LEU A 51 32.52 10.27 2.97
CA LEU A 51 31.60 9.46 3.73
C LEU A 51 31.84 8.01 3.30
N PRO A 52 33.02 7.49 3.63
CA PRO A 52 33.37 6.12 3.26
C PRO A 52 32.47 5.02 3.82
N TYR A 53 32.37 3.94 3.05
CA TYR A 53 31.61 2.75 3.39
C TYR A 53 31.88 1.66 2.34
N ASP A 54 31.65 0.41 2.73
CA ASP A 54 31.88 -0.72 1.83
C ASP A 54 30.76 -0.73 0.81
N LYS A 55 31.08 -0.31 -0.40
CA LYS A 55 30.05 -0.24 -1.42
C LYS A 55 29.53 -1.57 -1.89
N GLN A 56 30.17 -2.65 -1.47
CA GLN A 56 29.71 -3.97 -1.88
C GLN A 56 28.57 -4.47 -0.98
N VAL A 57 28.42 -3.85 0.19
CA VAL A 57 27.39 -4.27 1.12
C VAL A 57 26.09 -3.51 0.89
N LYS A 58 25.01 -4.23 0.70
CA LYS A 58 23.73 -3.58 0.44
C LYS A 58 22.95 -3.37 1.71
N GLN A 59 21.97 -2.48 1.64
CA GLN A 59 21.15 -2.20 2.82
C GLN A 59 19.73 -2.65 2.63
N VAL A 60 18.98 -2.62 3.73
CA VAL A 60 17.57 -2.95 3.68
C VAL A 60 16.90 -1.65 3.26
N LEU A 61 16.11 -1.68 2.20
CA LEU A 61 15.39 -0.50 1.73
C LEU A 61 14.00 -0.49 2.33
N ALA A 62 13.31 0.62 2.16
CA ALA A 62 11.96 0.76 2.69
C ALA A 62 11.01 -0.34 2.18
N ASN A 63 11.16 -0.75 0.93
CA ASN A 63 10.28 -1.75 0.38
C ASN A 63 10.61 -3.16 0.83
N GLY A 64 11.69 -3.31 1.60
CA GLY A 64 12.06 -4.62 2.10
C GLY A 64 13.18 -5.30 1.35
N LYS A 65 13.44 -4.86 0.13
CA LYS A 65 14.52 -5.46 -0.63
C LYS A 65 15.86 -4.86 -0.20
N LYS A 66 16.93 -5.34 -0.81
CA LYS A 66 18.28 -4.86 -0.52
C LYS A 66 18.67 -3.91 -1.63
N GLY A 67 19.52 -2.95 -1.32
CA GLY A 67 19.90 -2.01 -2.36
C GLY A 67 21.01 -1.08 -1.96
N ASP A 68 21.35 -0.18 -2.87
CA ASP A 68 22.41 0.78 -2.65
C ASP A 68 22.13 1.78 -1.55
N LEU A 69 23.22 2.33 -1.03
CA LEU A 69 23.17 3.31 0.01
C LEU A 69 23.31 4.68 -0.61
N ASN A 70 22.61 5.66 -0.03
CA ASN A 70 22.65 7.04 -0.49
C ASN A 70 23.23 7.87 0.63
N VAL A 71 23.79 9.01 0.27
CA VAL A 71 24.42 9.88 1.23
C VAL A 71 23.83 11.28 1.30
N GLY A 72 24.16 11.97 2.39
CA GLY A 72 23.71 13.33 2.63
C GLY A 72 24.54 13.89 3.76
N MET A 73 24.49 15.19 3.97
CA MET A 73 25.27 15.82 5.02
C MET A 73 24.77 17.19 5.42
N VAL A 74 25.31 17.70 6.53
CA VAL A 74 25.02 19.03 7.02
C VAL A 74 26.37 19.64 7.38
N LEU A 75 26.62 20.84 6.87
CA LEU A 75 27.87 21.55 7.07
C LEU A 75 27.62 22.85 7.82
N ILE A 76 28.25 23.02 8.97
CA ILE A 76 28.04 24.25 9.72
C ILE A 76 29.30 25.12 9.69
N LEU A 77 29.21 26.20 8.92
CA LEU A 77 30.29 27.14 8.74
C LEU A 77 30.06 28.32 9.67
N PRO A 78 31.09 29.15 9.86
CA PRO A 78 30.99 30.34 10.72
C PRO A 78 30.03 31.34 10.08
N GLU A 79 29.47 32.22 10.89
CA GLU A 79 28.55 33.25 10.40
C GLU A 79 29.29 34.10 9.36
N GLY A 80 28.66 34.26 8.20
CA GLY A 80 29.24 35.04 7.12
C GLY A 80 29.72 34.16 5.97
N PHE A 81 30.11 32.93 6.27
CA PHE A 81 30.55 32.03 5.19
C PHE A 81 29.31 31.50 4.50
N GLU A 82 29.42 31.24 3.21
CA GLU A 82 28.28 30.77 2.45
C GLU A 82 28.71 29.95 1.26
N LEU A 83 27.72 29.34 0.63
CA LEU A 83 27.96 28.56 -0.59
C LEU A 83 28.34 29.61 -1.62
N ALA A 84 29.38 29.35 -2.42
CA ALA A 84 29.81 30.31 -3.42
C ALA A 84 28.81 30.28 -4.58
N PRO A 85 28.39 31.46 -5.05
CA PRO A 85 27.44 31.41 -6.16
C PRO A 85 28.18 30.97 -7.43
N PRO A 86 27.46 30.30 -8.35
CA PRO A 86 28.07 29.81 -9.59
C PRO A 86 29.01 30.76 -10.27
N ASP A 87 28.60 32.01 -10.43
CA ASP A 87 29.49 32.97 -11.10
C ASP A 87 30.84 33.16 -10.44
N ARG A 88 30.96 32.81 -9.15
CA ARG A 88 32.24 32.94 -8.42
C ARG A 88 33.01 31.63 -8.43
N VAL A 89 32.37 30.56 -8.87
CA VAL A 89 33.00 29.24 -8.88
C VAL A 89 33.82 28.93 -10.15
N PRO A 90 35.15 28.81 -10.02
CA PRO A 90 35.94 28.51 -11.22
C PRO A 90 35.51 27.17 -11.81
N ALA A 91 35.55 27.09 -13.14
CA ALA A 91 35.15 25.89 -13.87
C ALA A 91 35.77 24.61 -13.32
N GLU A 92 37.06 24.63 -13.02
CA GLU A 92 37.69 23.42 -12.55
C GLU A 92 37.13 22.95 -11.22
N ILE A 93 36.57 23.87 -10.44
CA ILE A 93 36.00 23.44 -9.18
C ILE A 93 34.57 22.96 -9.44
N LYS A 94 33.87 23.63 -10.36
CA LYS A 94 32.53 23.19 -10.69
C LYS A 94 32.63 21.75 -11.17
N GLU A 95 33.67 21.47 -11.93
CA GLU A 95 33.89 20.14 -12.45
C GLU A 95 33.89 19.16 -11.28
N LYS A 96 34.73 19.42 -10.28
CA LYS A 96 34.83 18.58 -9.10
C LYS A 96 33.56 18.53 -8.24
N VAL A 97 32.75 19.57 -8.30
CA VAL A 97 31.52 19.59 -7.50
C VAL A 97 30.50 18.67 -8.13
N GLY A 98 30.50 18.67 -9.45
CA GLY A 98 29.57 17.84 -10.16
C GLY A 98 28.16 18.36 -10.07
N ASN A 99 27.21 17.44 -10.26
CA ASN A 99 25.82 17.78 -10.24
C ASN A 99 25.23 17.64 -8.84
N LEU A 100 25.50 18.63 -7.99
CA LEU A 100 24.95 18.60 -6.65
C LEU A 100 24.28 19.91 -6.37
N TYR A 101 23.25 19.86 -5.54
CA TYR A 101 22.51 21.06 -5.21
C TYR A 101 22.56 21.37 -3.73
N TYR A 102 23.63 22.04 -3.31
CA TYR A 102 23.77 22.42 -1.93
C TYR A 102 22.70 23.48 -1.65
N GLN A 103 21.97 23.29 -0.56
CA GLN A 103 20.91 24.21 -0.15
C GLN A 103 21.21 24.74 1.26
N PRO A 104 20.77 25.95 1.56
CA PRO A 104 21.04 26.45 2.91
C PRO A 104 20.03 25.77 3.83
N TYR A 105 20.41 25.52 5.07
CA TYR A 105 19.52 24.83 6.01
C TYR A 105 18.15 25.49 6.07
N SER A 106 18.16 26.80 6.03
CA SER A 106 16.95 27.58 6.02
C SER A 106 17.39 28.90 5.42
N PRO A 107 16.44 29.75 5.05
CA PRO A 107 16.87 31.02 4.46
C PRO A 107 17.62 31.92 5.42
N GLU A 108 17.48 31.68 6.73
CA GLU A 108 18.14 32.50 7.74
C GLU A 108 19.48 31.93 8.18
N GLN A 109 19.83 30.76 7.66
CA GLN A 109 21.08 30.06 8.00
C GLN A 109 21.85 29.71 6.72
N LYS A 110 22.31 30.74 6.02
CA LYS A 110 23.05 30.53 4.79
C LYS A 110 24.43 29.98 5.04
N ASN A 111 24.88 30.05 6.29
CA ASN A 111 26.18 29.53 6.65
C ASN A 111 26.07 28.02 6.95
N ILE A 112 24.84 27.48 6.85
CA ILE A 112 24.59 26.07 7.08
C ILE A 112 24.07 25.46 5.78
N LEU A 113 24.82 24.49 5.25
CA LEU A 113 24.50 23.83 3.99
C LEU A 113 24.17 22.35 4.14
N VAL A 114 23.41 21.83 3.20
CA VAL A 114 23.05 20.43 3.20
C VAL A 114 22.94 19.93 1.76
N VAL A 115 22.98 18.61 1.61
CA VAL A 115 22.87 18.00 0.31
C VAL A 115 22.48 16.58 0.61
N GLY A 116 21.71 15.98 -0.29
CA GLY A 116 21.26 14.63 -0.06
C GLY A 116 19.76 14.55 0.05
N PRO A 117 19.18 13.37 -0.21
CA PRO A 117 19.90 12.16 -0.59
C PRO A 117 20.39 12.17 -2.05
N VAL A 118 21.57 11.59 -2.25
CA VAL A 118 22.24 11.40 -3.53
C VAL A 118 22.98 10.06 -3.44
N PRO A 119 23.15 9.37 -4.56
CA PRO A 119 23.83 8.07 -4.54
C PRO A 119 25.21 8.02 -3.91
N GLY A 120 25.35 7.13 -2.94
CA GLY A 120 26.63 6.97 -2.26
C GLY A 120 27.72 6.49 -3.19
N LYS A 121 27.37 5.67 -4.17
CA LYS A 121 28.39 5.17 -5.08
C LYS A 121 29.09 6.30 -5.81
N LYS A 122 28.32 7.30 -6.21
CA LYS A 122 28.87 8.44 -6.93
C LYS A 122 29.32 9.60 -6.05
N TYR A 123 28.66 9.80 -4.90
CA TYR A 123 28.98 10.93 -4.06
C TYR A 123 29.53 10.65 -2.68
N SER A 124 30.23 9.54 -2.59
CA SER A 124 30.89 9.09 -1.39
C SER A 124 31.89 10.18 -0.91
N GLU A 125 32.43 10.92 -1.88
CA GLU A 125 33.33 12.03 -1.61
C GLU A 125 32.70 13.20 -2.35
N MET A 126 32.60 14.37 -1.71
CA MET A 126 32.01 15.55 -2.34
C MET A 126 32.87 16.79 -2.11
N VAL A 127 32.71 17.78 -2.98
CA VAL A 127 33.43 19.03 -2.86
C VAL A 127 32.38 20.12 -2.73
N VAL A 128 32.58 21.05 -1.81
CA VAL A 128 31.63 22.12 -1.59
C VAL A 128 32.37 23.42 -1.78
N PRO A 129 31.89 24.26 -2.73
CA PRO A 129 32.54 25.56 -2.98
C PRO A 129 32.02 26.58 -1.98
N ILE A 130 32.91 27.10 -1.14
CA ILE A 130 32.50 28.08 -0.13
C ILE A 130 33.10 29.46 -0.35
N LEU A 131 32.29 30.49 -0.15
CA LEU A 131 32.77 31.87 -0.29
C LEU A 131 33.01 32.41 1.13
N SER A 132 34.23 32.85 1.37
CA SER A 132 34.58 33.39 2.68
C SER A 132 33.99 34.80 2.79
N PRO A 133 33.71 35.27 4.02
CA PRO A 133 33.15 36.60 4.22
C PRO A 133 34.28 37.61 4.26
N ASP A 134 34.00 38.82 4.71
CA ASP A 134 34.99 39.88 4.79
C ASP A 134 34.73 40.68 6.05
N PRO A 135 35.57 40.53 7.07
CA PRO A 135 35.42 41.24 8.34
C PRO A 135 35.22 42.73 8.09
N ALA A 136 35.81 43.24 7.01
CA ALA A 136 35.67 44.64 6.68
C ALA A 136 34.23 45.07 6.39
N LYS A 137 33.46 44.21 5.74
CA LYS A 137 32.09 44.52 5.40
C LYS A 137 31.08 43.81 6.29
N ASN A 138 31.55 42.87 7.08
CA ASN A 138 30.67 42.14 7.98
C ASN A 138 31.20 42.26 9.41
N LYS A 139 30.47 43.01 10.22
CA LYS A 139 30.85 43.24 11.63
C LYS A 139 30.76 41.98 12.48
N ASN A 140 30.09 40.95 11.96
CA ASN A 140 29.93 39.69 12.67
C ASN A 140 31.11 38.74 12.42
N VAL A 141 32.15 39.23 11.74
CA VAL A 141 33.30 38.38 11.43
C VAL A 141 34.62 39.05 11.75
N SER A 142 35.63 38.24 12.05
CA SER A 142 36.95 38.75 12.37
C SER A 142 38.00 37.83 11.76
N TYR A 143 39.27 38.25 11.85
CA TYR A 143 40.38 37.49 11.27
C TYR A 143 40.83 36.38 12.22
N LEU A 144 39.89 35.51 12.56
CA LEU A 144 40.12 34.42 13.52
C LEU A 144 40.33 33.04 12.92
N LYS A 145 40.64 32.09 13.80
CA LYS A 145 40.79 30.68 13.41
C LYS A 145 39.40 30.22 13.80
N TYR A 146 38.60 29.89 12.80
CA TYR A 146 37.23 29.47 13.03
C TYR A 146 37.06 27.97 12.86
N PRO A 147 36.12 27.38 13.63
CA PRO A 147 35.79 25.97 13.63
C PRO A 147 34.74 25.70 12.57
N ILE A 148 34.75 24.51 12.01
CA ILE A 148 33.76 24.13 11.01
C ILE A 148 33.31 22.73 11.46
N TYR A 149 32.01 22.53 11.49
CA TYR A 149 31.45 21.26 11.93
C TYR A 149 30.75 20.56 10.77
N PHE A 150 30.92 19.24 10.69
CA PHE A 150 30.37 18.45 9.61
C PHE A 150 29.70 17.15 10.04
N GLY A 151 28.57 16.84 9.41
CA GLY A 151 27.85 15.63 9.73
C GLY A 151 27.58 14.92 8.43
N GLY A 152 28.07 13.69 8.32
CA GLY A 152 27.88 12.94 7.11
C GLY A 152 27.14 11.64 7.35
N ASN A 153 26.13 11.39 6.53
CA ASN A 153 25.42 10.14 6.69
C ASN A 153 25.32 9.33 5.42
N ARG A 154 25.29 8.02 5.61
CA ARG A 154 25.11 7.13 4.48
C ARG A 154 24.17 6.06 5.05
N GLY A 155 23.14 5.70 4.28
CA GLY A 155 22.23 4.67 4.74
C GLY A 155 20.99 5.17 5.45
N ARG A 156 19.94 4.36 5.35
CA ARG A 156 18.65 4.67 5.93
C ARG A 156 18.64 4.73 7.45
N GLY A 157 17.80 5.60 7.99
CA GLY A 157 17.70 5.77 9.44
C GLY A 157 16.93 4.69 10.16
N GLN A 158 16.96 4.75 11.49
CA GLN A 158 16.28 3.76 12.32
C GLN A 158 14.90 4.19 12.83
N VAL A 159 14.64 5.49 12.79
CA VAL A 159 13.36 6.00 13.27
C VAL A 159 12.91 7.26 12.51
N TYR A 160 11.61 7.36 12.29
CA TYR A 160 11.03 8.49 11.57
C TYR A 160 10.72 9.66 12.49
N PRO A 161 10.38 10.81 11.89
CA PRO A 161 10.04 12.06 12.59
C PRO A 161 8.99 11.86 13.69
N ASP A 162 8.03 10.97 13.45
CA ASP A 162 6.99 10.68 14.43
C ASP A 162 7.48 9.82 15.61
N GLY A 163 8.69 9.28 15.50
CA GLY A 163 9.21 8.45 16.58
C GLY A 163 8.96 6.97 16.37
N LYS A 164 8.46 6.59 15.20
CA LYS A 164 8.20 5.19 14.92
C LYS A 164 9.44 4.56 14.30
N LYS A 165 9.68 3.30 14.58
CA LYS A 165 10.85 2.63 14.03
C LYS A 165 10.73 2.45 12.52
N SER A 166 11.86 2.51 11.83
CA SER A 166 11.84 2.23 10.39
C SER A 166 12.02 0.71 10.42
N ASN A 167 12.15 0.10 9.24
CA ASN A 167 12.32 -1.35 9.14
C ASN A 167 13.81 -1.64 9.07
N ASN A 168 14.62 -0.60 9.20
CA ASN A 168 16.05 -0.79 9.15
C ASN A 168 16.61 -0.72 10.54
N THR A 169 16.04 -1.51 11.44
CA THR A 169 16.52 -1.53 12.81
C THR A 169 16.07 -2.81 13.52
N ILE A 170 16.44 -2.95 14.79
CA ILE A 170 16.11 -4.12 15.59
C ILE A 170 14.67 -4.07 16.05
N TYR A 171 13.99 -5.22 16.01
CA TYR A 171 12.62 -5.32 16.50
C TYR A 171 12.58 -6.18 17.79
N ASN A 172 11.77 -5.74 18.74
CA ASN A 172 11.67 -6.37 20.06
C ASN A 172 10.30 -6.84 20.47
N ALA A 173 10.25 -7.89 21.28
CA ALA A 173 8.99 -8.46 21.77
C ALA A 173 8.23 -7.41 22.57
N SER A 174 6.94 -7.25 22.30
CA SER A 174 6.13 -6.26 23.02
C SER A 174 5.84 -6.73 24.43
N ALA A 175 5.81 -8.04 24.63
CA ALA A 175 5.54 -8.60 25.95
C ALA A 175 6.34 -9.87 26.19
N ALA A 176 6.35 -10.31 27.44
CA ALA A 176 7.05 -11.55 27.73
C ALA A 176 6.05 -12.70 27.50
N GLY A 177 6.56 -13.82 27.02
CA GLY A 177 5.67 -14.94 26.80
C GLY A 177 6.26 -15.97 25.87
N LYS A 178 5.45 -16.97 25.52
CA LYS A 178 5.88 -18.03 24.64
C LYS A 178 5.46 -17.78 23.20
N ILE A 179 6.43 -17.79 22.29
CA ILE A 179 6.10 -17.59 20.90
C ILE A 179 5.43 -18.87 20.40
N VAL A 180 4.12 -18.79 20.23
CA VAL A 180 3.34 -19.94 19.78
C VAL A 180 3.06 -19.86 18.30
N ALA A 181 3.53 -18.80 17.66
CA ALA A 181 3.33 -18.66 16.23
C ALA A 181 4.13 -17.58 15.50
N ILE A 182 4.73 -17.97 14.38
CA ILE A 182 5.46 -17.05 13.54
C ILE A 182 4.91 -17.26 12.14
N THR A 183 4.14 -16.29 11.67
CA THR A 183 3.51 -16.37 10.37
C THR A 183 4.19 -15.48 9.36
N ALA A 184 4.61 -16.07 8.25
CA ALA A 184 5.27 -15.32 7.18
C ALA A 184 4.28 -14.30 6.63
N LEU A 185 4.19 -13.16 7.30
CA LEU A 185 3.29 -12.08 6.92
C LEU A 185 3.26 -11.83 5.43
N SER A 186 2.06 -11.52 4.93
CA SER A 186 1.80 -11.23 3.52
C SER A 186 2.44 -12.19 2.52
N GLU A 187 1.79 -12.32 1.37
CA GLU A 187 2.28 -13.19 0.32
C GLU A 187 3.45 -12.52 -0.36
N LYS A 188 4.62 -13.16 -0.25
CA LYS A 188 5.83 -12.63 -0.86
C LYS A 188 5.87 -11.11 -0.78
N LYS A 189 5.46 -10.57 0.37
CA LYS A 189 5.48 -9.12 0.58
C LYS A 189 6.37 -8.86 1.81
N GLY A 190 6.77 -9.95 2.44
CA GLY A 190 7.64 -9.87 3.60
C GLY A 190 7.00 -9.53 4.95
N GLY A 191 7.82 -9.66 5.98
CA GLY A 191 7.38 -9.38 7.32
C GLY A 191 6.85 -10.64 7.96
N PHE A 192 6.68 -10.59 9.27
CA PHE A 192 6.18 -11.74 9.95
C PHE A 192 5.23 -11.29 11.02
N GLU A 193 4.46 -12.23 11.52
CA GLU A 193 3.59 -11.96 12.63
C GLU A 193 4.09 -12.94 13.67
N VAL A 194 4.44 -12.40 14.83
CA VAL A 194 4.93 -13.23 15.89
C VAL A 194 3.91 -13.12 16.99
N SER A 195 3.26 -14.24 17.26
CA SER A 195 2.25 -14.32 18.30
C SER A 195 2.90 -14.74 19.61
N ILE A 196 2.80 -13.88 20.61
CA ILE A 196 3.40 -14.17 21.89
C ILE A 196 2.29 -14.48 22.88
N GLU A 197 2.30 -15.70 23.40
CA GLU A 197 1.32 -16.11 24.40
C GLU A 197 1.78 -15.64 25.80
N LYS A 198 1.18 -14.58 26.30
CA LYS A 198 1.52 -14.07 27.64
C LYS A 198 1.24 -15.12 28.73
N ALA A 199 1.85 -14.92 29.89
CA ALA A 199 1.68 -15.83 31.01
C ALA A 199 0.23 -15.95 31.46
N ASN A 200 -0.57 -14.92 31.23
CA ASN A 200 -1.97 -14.95 31.63
C ASN A 200 -2.82 -15.67 30.58
N GLY A 201 -2.20 -16.04 29.47
CA GLY A 201 -2.91 -16.73 28.40
C GLY A 201 -3.27 -15.85 27.20
N GLU A 202 -3.13 -14.55 27.37
CA GLU A 202 -3.43 -13.62 26.29
C GLU A 202 -2.31 -13.68 25.27
N VAL A 203 -2.69 -13.62 24.01
CA VAL A 203 -1.76 -13.62 22.89
C VAL A 203 -1.75 -12.23 22.26
N VAL A 204 -0.57 -11.65 22.06
CA VAL A 204 -0.47 -10.36 21.40
C VAL A 204 0.30 -10.63 20.11
N VAL A 205 -0.01 -9.92 19.02
CA VAL A 205 0.68 -10.19 17.78
C VAL A 205 1.64 -9.10 17.33
N ASP A 206 2.94 -9.40 17.37
CA ASP A 206 3.94 -8.43 16.98
C ASP A 206 4.14 -8.46 15.48
N LYS A 207 4.04 -7.29 14.87
CA LYS A 207 4.19 -7.11 13.44
C LYS A 207 5.64 -6.75 13.11
N ILE A 208 6.31 -7.60 12.34
CA ILE A 208 7.69 -7.36 11.96
C ILE A 208 7.72 -7.07 10.48
N PRO A 209 8.25 -5.91 10.09
CA PRO A 209 8.29 -5.60 8.66
C PRO A 209 9.32 -6.46 7.97
N ALA A 210 9.24 -6.49 6.66
CA ALA A 210 10.20 -7.20 5.86
C ALA A 210 11.50 -6.39 5.92
N GLY A 211 12.64 -7.08 5.88
CA GLY A 211 13.94 -6.43 5.93
C GLY A 211 14.82 -7.10 6.99
N PRO A 212 14.51 -6.88 8.26
CA PRO A 212 15.33 -7.53 9.29
C PRO A 212 15.03 -9.04 9.34
N ASP A 213 15.98 -9.86 9.77
CA ASP A 213 15.72 -11.29 9.87
C ASP A 213 15.35 -11.66 11.28
N LEU A 214 14.60 -12.73 11.43
CA LEU A 214 14.21 -13.18 12.76
C LEU A 214 15.32 -13.99 13.38
N ILE A 215 15.41 -13.95 14.71
CA ILE A 215 16.42 -14.72 15.41
C ILE A 215 15.72 -15.58 16.44
N VAL A 216 14.39 -15.62 16.37
CA VAL A 216 13.60 -16.44 17.29
C VAL A 216 12.84 -17.51 16.54
N LYS A 217 12.41 -18.55 17.24
CA LYS A 217 11.68 -19.64 16.63
C LYS A 217 10.41 -19.94 17.37
N GLU A 218 9.54 -20.76 16.77
CA GLU A 218 8.29 -21.12 17.43
C GLU A 218 8.63 -22.00 18.62
N GLY A 219 7.99 -21.71 19.75
CA GLY A 219 8.23 -22.50 20.94
C GLY A 219 9.25 -21.84 21.86
N GLN A 220 9.83 -20.75 21.39
CA GLN A 220 10.83 -20.04 22.18
C GLN A 220 10.21 -19.06 23.18
N THR A 221 10.81 -18.96 24.36
CA THR A 221 10.29 -18.01 25.34
C THR A 221 11.19 -16.77 25.30
N VAL A 222 10.57 -15.59 25.20
CA VAL A 222 11.27 -14.31 25.15
C VAL A 222 10.89 -13.39 26.29
N GLN A 223 11.79 -12.51 26.69
CA GLN A 223 11.50 -11.57 27.77
C GLN A 223 10.93 -10.31 27.16
N ALA A 224 10.30 -9.49 27.97
CA ALA A 224 9.73 -8.25 27.46
C ALA A 224 10.85 -7.44 26.81
N ASP A 225 10.57 -6.91 25.63
CA ASP A 225 11.51 -6.09 24.86
C ASP A 225 12.78 -6.82 24.43
N GLN A 226 12.77 -8.14 24.53
CA GLN A 226 13.90 -8.94 24.10
C GLN A 226 13.92 -8.88 22.57
N PRO A 227 15.10 -8.84 21.96
CA PRO A 227 15.14 -8.78 20.49
C PRO A 227 14.61 -10.03 19.74
N LEU A 228 13.79 -9.78 18.72
CA LEU A 228 13.21 -10.88 17.93
C LEU A 228 13.89 -10.90 16.58
N THR A 229 14.71 -9.89 16.31
CA THR A 229 15.42 -9.84 15.05
C THR A 229 16.87 -9.41 15.23
N ASN A 230 17.58 -9.40 14.12
CA ASN A 230 18.96 -8.96 14.04
C ASN A 230 18.87 -7.44 13.89
N ASN A 231 20.01 -6.82 13.66
CA ASN A 231 20.11 -5.38 13.45
C ASN A 231 20.62 -5.30 12.03
N PRO A 232 19.72 -5.05 11.06
CA PRO A 232 20.03 -4.96 9.63
C PRO A 232 20.82 -3.73 9.15
N ASN A 233 20.86 -2.69 9.97
CA ASN A 233 21.57 -1.45 9.61
C ASN A 233 23.03 -1.65 9.21
N VAL A 234 23.38 -1.23 7.99
CA VAL A 234 24.75 -1.33 7.54
C VAL A 234 25.38 0.04 7.34
N GLY A 235 24.56 1.09 7.45
CA GLY A 235 25.07 2.43 7.22
C GLY A 235 25.51 3.15 8.47
N GLY A 236 25.39 4.48 8.49
CA GLY A 236 25.82 5.20 9.65
C GLY A 236 26.12 6.67 9.42
N PHE A 237 26.04 7.41 10.51
CA PHE A 237 26.28 8.82 10.51
C PHE A 237 27.58 9.12 11.26
N GLY A 238 28.33 10.09 10.75
CA GLY A 238 29.58 10.44 11.40
C GLY A 238 29.72 11.95 11.52
N GLN A 239 30.58 12.39 12.43
CA GLN A 239 30.83 13.81 12.62
C GLN A 239 32.32 14.08 12.61
N ALA A 240 32.72 15.24 12.10
CA ALA A 240 34.12 15.59 12.09
C ALA A 240 34.12 17.10 12.25
N GLU A 241 35.22 17.62 12.76
CA GLU A 241 35.33 19.04 12.98
C GLU A 241 36.67 19.47 12.44
N THR A 242 36.73 20.68 11.90
CA THR A 242 37.99 21.20 11.42
C THR A 242 38.05 22.70 11.71
N GLU A 243 38.94 23.41 11.05
CA GLU A 243 39.10 24.83 11.30
C GLU A 243 39.77 25.51 10.11
N ILE A 244 39.59 26.82 10.02
CA ILE A 244 40.21 27.56 8.94
C ILE A 244 40.47 28.97 9.47
N VAL A 245 41.56 29.58 9.06
CA VAL A 245 41.87 30.93 9.51
C VAL A 245 41.44 31.93 8.46
N LEU A 246 40.71 32.96 8.87
CA LEU A 246 40.31 33.99 7.94
C LEU A 246 41.43 35.01 7.96
N GLN A 247 42.21 35.01 6.90
CA GLN A 247 43.35 35.90 6.78
C GLN A 247 43.03 37.37 6.69
N ASN A 248 43.97 38.17 7.17
CA ASN A 248 43.85 39.61 7.17
C ASN A 248 44.85 40.07 6.11
N PRO A 249 44.40 40.29 4.87
CA PRO A 249 45.30 40.73 3.80
C PRO A 249 45.97 42.02 4.28
N ALA A 250 47.20 42.27 3.85
CA ALA A 250 47.88 43.47 4.31
C ALA A 250 48.72 44.22 3.28
N ARG A 251 48.62 45.55 3.31
CA ARG A 251 49.36 46.45 2.41
C ARG A 251 49.51 47.85 3.02
N TYR B 1 -15.65 -24.20 -6.28
CA TYR B 1 -15.60 -24.09 -4.79
C TYR B 1 -15.58 -22.64 -4.39
N PRO B 2 -16.06 -22.35 -3.19
CA PRO B 2 -16.05 -20.96 -2.74
C PRO B 2 -14.62 -20.43 -2.80
N VAL B 3 -13.64 -21.27 -2.48
CA VAL B 3 -12.27 -20.80 -2.52
C VAL B 3 -11.81 -20.41 -3.93
N PHE B 4 -12.39 -20.99 -4.97
CA PHE B 4 -11.99 -20.59 -6.34
C PHE B 4 -12.41 -19.13 -6.55
N ALA B 5 -13.56 -18.75 -5.98
CA ALA B 5 -14.06 -17.38 -6.09
C ALA B 5 -13.14 -16.41 -5.34
N GLN B 6 -12.79 -16.77 -4.11
CA GLN B 6 -11.93 -15.97 -3.27
C GLN B 6 -10.56 -15.78 -3.89
N GLN B 7 -10.04 -16.82 -4.50
CA GLN B 7 -8.73 -16.72 -5.10
C GLN B 7 -8.74 -16.03 -6.45
N ASN B 8 -9.87 -16.00 -7.14
CA ASN B 8 -9.87 -15.39 -8.45
C ASN B 8 -10.67 -14.12 -8.67
N TYR B 9 -11.53 -13.79 -7.70
CA TYR B 9 -12.35 -12.60 -7.82
C TYR B 9 -12.32 -11.81 -6.54
N ALA B 10 -11.84 -10.57 -6.61
CA ALA B 10 -11.79 -9.71 -5.43
C ALA B 10 -13.21 -9.46 -4.91
N ASN B 11 -14.15 -9.23 -5.82
CA ASN B 11 -15.56 -8.98 -5.46
C ASN B 11 -16.42 -10.13 -6.00
N PRO B 12 -17.15 -10.81 -5.13
CA PRO B 12 -17.98 -11.92 -5.62
C PRO B 12 -19.22 -11.50 -6.40
N ARG B 13 -19.62 -10.25 -6.26
CA ARG B 13 -20.81 -9.80 -6.97
C ARG B 13 -20.44 -8.78 -8.01
N GLU B 14 -20.82 -9.07 -9.26
CA GLU B 14 -20.53 -8.16 -10.36
C GLU B 14 -21.47 -6.97 -10.27
N ALA B 15 -21.12 -5.89 -10.96
CA ALA B 15 -21.95 -4.71 -10.92
C ALA B 15 -23.38 -5.04 -11.31
N ASN B 16 -23.57 -5.95 -12.26
CA ASN B 16 -24.91 -6.29 -12.69
C ASN B 16 -25.69 -7.20 -11.75
N GLY B 17 -25.12 -7.55 -10.60
CA GLY B 17 -25.83 -8.40 -9.64
C GLY B 17 -25.53 -9.89 -9.76
N ARG B 18 -24.75 -10.25 -10.76
CA ARG B 18 -24.38 -11.63 -11.01
C ARG B 18 -23.24 -12.09 -10.10
N ILE B 19 -23.42 -13.22 -9.44
CA ILE B 19 -22.39 -13.71 -8.54
C ILE B 19 -21.46 -14.63 -9.29
N VAL B 20 -20.15 -14.46 -9.04
CA VAL B 20 -19.11 -15.16 -9.78
C VAL B 20 -19.12 -16.67 -9.87
N CYS B 21 -19.81 -17.37 -8.96
CA CYS B 21 -19.91 -18.81 -9.04
C CYS B 21 -20.48 -19.17 -10.42
N ALA B 22 -21.41 -18.35 -10.91
CA ALA B 22 -22.08 -18.57 -12.20
C ALA B 22 -21.11 -18.65 -13.37
N ASN B 23 -19.86 -18.25 -13.15
CA ASN B 23 -18.88 -18.32 -14.22
C ASN B 23 -18.40 -19.76 -14.44
N CYS B 24 -18.63 -20.64 -13.46
CA CYS B 24 -18.18 -22.02 -13.58
C CYS B 24 -19.22 -23.10 -13.33
N HIS B 25 -20.28 -22.74 -12.62
CA HIS B 25 -21.40 -23.63 -12.31
C HIS B 25 -22.47 -23.10 -13.27
N LEU B 26 -22.40 -23.60 -14.50
CA LEU B 26 -23.26 -23.14 -15.59
C LEU B 26 -24.74 -23.42 -15.62
N ALA B 27 -25.23 -24.25 -14.69
CA ALA B 27 -26.65 -24.57 -14.62
C ALA B 27 -27.28 -23.78 -13.49
N GLN B 28 -28.47 -23.25 -13.71
CA GLN B 28 -29.14 -22.47 -12.68
C GLN B 28 -30.14 -23.36 -11.96
N LYS B 29 -30.25 -23.17 -10.66
CA LYS B 29 -31.16 -23.95 -9.86
C LYS B 29 -31.50 -23.05 -8.68
N ALA B 30 -32.79 -22.76 -8.49
CA ALA B 30 -33.24 -21.87 -7.41
C ALA B 30 -32.70 -22.17 -6.01
N VAL B 31 -32.56 -21.11 -5.22
CA VAL B 31 -32.09 -21.20 -3.85
C VAL B 31 -32.98 -20.25 -3.06
N GLU B 32 -32.84 -20.26 -1.75
CA GLU B 32 -33.65 -19.41 -0.92
C GLU B 32 -32.90 -18.96 0.29
N ILE B 33 -33.25 -17.77 0.76
CA ILE B 33 -32.67 -17.21 1.95
C ILE B 33 -33.72 -16.38 2.66
N GLU B 34 -33.73 -16.48 3.98
CA GLU B 34 -34.64 -15.70 4.78
C GLU B 34 -33.94 -15.10 6.01
N VAL B 35 -34.21 -13.84 6.27
CA VAL B 35 -33.70 -13.15 7.44
C VAL B 35 -34.92 -12.37 7.94
N PRO B 36 -34.90 -11.94 9.21
CA PRO B 36 -36.07 -11.19 9.68
C PRO B 36 -36.14 -9.89 8.89
N GLN B 37 -37.34 -9.31 8.73
CA GLN B 37 -37.43 -8.05 8.01
C GLN B 37 -36.69 -6.95 8.72
N ALA B 38 -36.42 -7.16 10.01
CA ALA B 38 -35.73 -6.12 10.76
C ALA B 38 -35.06 -6.68 12.00
N VAL B 39 -34.03 -6.00 12.47
CA VAL B 39 -33.28 -6.45 13.66
C VAL B 39 -32.79 -5.24 14.41
N LEU B 40 -32.53 -5.38 15.70
CA LEU B 40 -32.02 -4.29 16.52
C LEU B 40 -30.50 -4.23 16.40
N PRO B 41 -29.89 -3.11 16.81
CA PRO B 41 -28.44 -2.99 16.72
C PRO B 41 -27.75 -4.03 17.62
N ASP B 42 -26.47 -4.25 17.38
CA ASP B 42 -25.66 -5.21 18.14
C ASP B 42 -26.46 -6.42 18.63
N THR B 43 -27.27 -6.97 17.73
CA THR B 43 -28.12 -8.13 18.00
C THR B 43 -27.79 -9.27 17.03
N VAL B 44 -27.81 -10.50 17.54
CA VAL B 44 -27.52 -11.67 16.74
C VAL B 44 -28.78 -12.35 16.23
N PHE B 45 -28.89 -12.40 14.90
CA PHE B 45 -30.02 -13.03 14.24
C PHE B 45 -29.57 -14.13 13.27
N GLU B 46 -30.54 -14.93 12.82
CA GLU B 46 -30.26 -16.03 11.92
C GLU B 46 -30.65 -15.81 10.47
N ALA B 47 -29.77 -16.25 9.58
CA ALA B 47 -29.98 -16.21 8.14
C ALA B 47 -30.19 -17.69 7.82
N VAL B 48 -31.39 -18.03 7.34
CA VAL B 48 -31.70 -19.41 6.98
C VAL B 48 -31.61 -19.56 5.46
N ILE B 49 -30.73 -20.48 5.02
CA ILE B 49 -30.55 -20.69 3.59
C ILE B 49 -30.98 -22.09 3.13
N GLU B 50 -31.54 -22.14 1.93
CA GLU B 50 -32.01 -23.38 1.32
C GLU B 50 -31.33 -23.54 -0.03
N LEU B 51 -30.78 -24.72 -0.27
CA LEU B 51 -30.11 -25.04 -1.52
C LEU B 51 -30.74 -26.40 -1.84
N PRO B 52 -32.05 -26.40 -2.10
CA PRO B 52 -32.78 -27.62 -2.41
C PRO B 52 -32.32 -28.35 -3.66
N TYR B 53 -32.52 -29.65 -3.65
CA TYR B 53 -32.17 -30.50 -4.76
C TYR B 53 -32.58 -31.94 -4.47
N ASP B 54 -32.78 -32.72 -5.52
CA ASP B 54 -33.18 -34.11 -5.41
C ASP B 54 -32.03 -34.96 -4.92
N LYS B 55 -32.06 -35.29 -3.64
CA LYS B 55 -31.01 -36.08 -3.01
C LYS B 55 -30.86 -37.51 -3.51
N GLN B 56 -31.88 -38.02 -4.21
CA GLN B 56 -31.82 -39.37 -4.74
C GLN B 56 -30.98 -39.42 -6.00
N VAL B 57 -30.79 -38.26 -6.63
CA VAL B 57 -29.99 -38.22 -7.85
C VAL B 57 -28.51 -38.06 -7.59
N LYS B 58 -27.75 -38.99 -8.14
CA LYS B 58 -26.30 -38.99 -8.01
C LYS B 58 -25.69 -38.09 -9.09
N GLN B 59 -24.55 -37.49 -8.79
CA GLN B 59 -23.89 -36.64 -9.77
C GLN B 59 -22.65 -37.37 -10.22
N VAL B 60 -22.01 -36.87 -11.27
CA VAL B 60 -20.77 -37.46 -11.74
C VAL B 60 -19.63 -36.92 -10.88
N LEU B 61 -18.83 -37.81 -10.35
CA LEU B 61 -17.71 -37.44 -9.51
C LEU B 61 -16.47 -37.30 -10.37
N ALA B 62 -15.43 -36.69 -9.81
CA ALA B 62 -14.20 -36.49 -10.54
C ALA B 62 -13.59 -37.82 -10.96
N ASN B 63 -13.72 -38.84 -10.12
CA ASN B 63 -13.13 -40.14 -10.43
C ASN B 63 -13.90 -40.92 -11.49
N GLY B 64 -14.98 -40.33 -12.00
CA GLY B 64 -15.76 -40.98 -13.02
C GLY B 64 -16.97 -41.74 -12.51
N LYS B 65 -17.09 -41.87 -11.20
CA LYS B 65 -18.21 -42.58 -10.60
C LYS B 65 -19.38 -41.65 -10.30
N LYS B 66 -20.49 -42.21 -9.81
CA LYS B 66 -21.68 -41.45 -9.45
C LYS B 66 -21.71 -41.38 -7.92
N GLY B 67 -22.07 -40.22 -7.36
CA GLY B 67 -22.08 -40.07 -5.92
C GLY B 67 -22.80 -38.84 -5.39
N ASP B 68 -22.59 -38.53 -4.13
CA ASP B 68 -23.27 -37.40 -3.51
C ASP B 68 -22.80 -36.03 -4.00
N LEU B 69 -23.64 -35.03 -3.72
CA LEU B 69 -23.34 -33.65 -4.07
C LEU B 69 -22.98 -32.87 -2.83
N ASN B 70 -22.10 -31.89 -2.96
CA ASN B 70 -21.71 -31.04 -1.86
C ASN B 70 -22.36 -29.72 -2.13
N VAL B 71 -22.26 -28.81 -1.16
CA VAL B 71 -22.84 -27.50 -1.27
C VAL B 71 -21.93 -26.44 -0.70
N GLY B 72 -22.27 -25.19 -0.99
CA GLY B 72 -21.47 -24.08 -0.52
C GLY B 72 -22.14 -22.81 -0.95
N MET B 73 -21.76 -21.69 -0.37
CA MET B 73 -22.42 -20.45 -0.74
C MET B 73 -21.54 -19.24 -0.43
N VAL B 74 -22.05 -18.07 -0.84
CA VAL B 74 -21.44 -16.76 -0.58
C VAL B 74 -22.65 -16.03 -0.03
N LEU B 75 -22.45 -15.24 1.02
CA LEU B 75 -23.52 -14.47 1.60
C LEU B 75 -22.96 -13.06 1.64
N ILE B 76 -23.50 -12.16 0.83
CA ILE B 76 -23.01 -10.80 0.84
C ILE B 76 -23.87 -9.93 1.77
N LEU B 77 -23.35 -9.65 2.96
CA LEU B 77 -24.05 -8.83 3.96
C LEU B 77 -23.71 -7.33 3.84
N PRO B 78 -24.57 -6.44 4.36
CA PRO B 78 -24.26 -5.01 4.26
C PRO B 78 -23.03 -4.74 5.11
N GLU B 79 -22.35 -3.65 4.83
CA GLU B 79 -21.18 -3.27 5.59
C GLU B 79 -21.51 -3.24 7.09
N GLY B 80 -20.60 -3.73 7.90
CA GLY B 80 -20.82 -3.73 9.33
C GLY B 80 -21.46 -5.01 9.83
N PHE B 81 -22.15 -5.73 8.95
CA PHE B 81 -22.74 -6.97 9.40
C PHE B 81 -21.64 -8.04 9.36
N GLU B 82 -21.68 -8.99 10.28
CA GLU B 82 -20.64 -10.02 10.35
C GLU B 82 -21.14 -11.27 11.02
N LEU B 83 -20.35 -12.34 10.89
CA LEU B 83 -20.68 -13.62 11.51
C LEU B 83 -20.66 -13.37 13.00
N ALA B 84 -21.68 -13.87 13.69
CA ALA B 84 -21.74 -13.73 15.14
C ALA B 84 -20.62 -14.51 15.84
N PRO B 85 -19.80 -13.84 16.68
CA PRO B 85 -18.75 -14.60 17.35
C PRO B 85 -19.36 -15.71 18.18
N PRO B 86 -18.59 -16.79 18.41
CA PRO B 86 -19.08 -17.92 19.21
C PRO B 86 -19.60 -17.46 20.56
N ASP B 87 -18.94 -16.48 21.15
CA ASP B 87 -19.33 -15.94 22.44
C ASP B 87 -20.68 -15.25 22.46
N ARG B 88 -21.24 -14.98 21.28
CA ARG B 88 -22.53 -14.31 21.17
C ARG B 88 -23.62 -15.25 20.68
N VAL B 89 -23.24 -16.44 20.22
CA VAL B 89 -24.24 -17.37 19.69
C VAL B 89 -24.84 -18.35 20.70
N PRO B 90 -26.10 -18.09 21.09
CA PRO B 90 -26.75 -18.98 22.05
C PRO B 90 -26.65 -20.43 21.59
N ALA B 91 -26.39 -21.32 22.54
CA ALA B 91 -26.27 -22.75 22.25
C ALA B 91 -27.45 -23.27 21.45
N GLU B 92 -28.63 -22.69 21.68
CA GLU B 92 -29.81 -23.14 20.95
C GLU B 92 -29.51 -23.03 19.46
N ILE B 93 -28.95 -21.90 19.06
CA ILE B 93 -28.63 -21.66 17.66
C ILE B 93 -27.35 -22.34 17.20
N LYS B 94 -26.41 -22.56 18.11
CA LYS B 94 -25.19 -23.26 17.74
C LYS B 94 -25.52 -24.65 17.23
N GLU B 95 -26.46 -25.34 17.87
CA GLU B 95 -26.78 -26.68 17.40
C GLU B 95 -27.53 -26.61 16.09
N LYS B 96 -28.21 -25.49 15.87
CA LYS B 96 -28.95 -25.27 14.64
C LYS B 96 -27.94 -25.06 13.51
N VAL B 97 -26.84 -24.37 13.81
CA VAL B 97 -25.81 -24.12 12.82
C VAL B 97 -25.02 -25.39 12.52
N GLY B 98 -24.73 -26.16 13.57
CA GLY B 98 -23.99 -27.39 13.40
C GLY B 98 -22.50 -27.22 13.20
N ASN B 99 -21.87 -28.28 12.74
CA ASN B 99 -20.43 -28.33 12.51
C ASN B 99 -20.01 -27.59 11.23
N LEU B 100 -20.42 -26.33 11.10
CA LEU B 100 -20.10 -25.53 9.91
C LEU B 100 -19.12 -24.41 10.21
N TYR B 101 -18.19 -24.17 9.29
CA TYR B 101 -17.17 -23.12 9.49
C TYR B 101 -17.26 -21.91 8.57
N TYR B 102 -18.23 -21.04 8.81
CA TYR B 102 -18.37 -19.84 8.02
C TYR B 102 -17.08 -19.04 8.05
N GLN B 103 -16.69 -18.53 6.89
CA GLN B 103 -15.48 -17.77 6.83
C GLN B 103 -15.69 -16.52 6.02
N PRO B 104 -15.00 -15.45 6.39
CA PRO B 104 -15.16 -14.21 5.65
C PRO B 104 -14.49 -14.36 4.29
N TYR B 105 -15.08 -13.78 3.26
CA TYR B 105 -14.54 -13.87 1.90
C TYR B 105 -13.04 -13.56 1.90
N SER B 106 -12.66 -12.53 2.65
CA SER B 106 -11.26 -12.12 2.80
C SER B 106 -11.15 -11.46 4.17
N PRO B 107 -9.94 -11.27 4.69
CA PRO B 107 -9.85 -10.64 6.00
C PRO B 107 -10.46 -9.24 6.04
N GLU B 108 -10.44 -8.54 4.92
CA GLU B 108 -10.98 -7.20 4.86
C GLU B 108 -12.45 -7.15 4.41
N GLN B 109 -13.05 -8.32 4.19
CA GLN B 109 -14.44 -8.38 3.78
C GLN B 109 -15.20 -9.26 4.75
N LYS B 110 -15.24 -8.83 6.01
CA LYS B 110 -15.93 -9.57 7.06
C LYS B 110 -17.43 -9.58 6.91
N ASN B 111 -17.96 -8.77 6.00
CA ASN B 111 -19.41 -8.77 5.79
C ASN B 111 -19.81 -9.78 4.73
N ILE B 112 -18.82 -10.44 4.13
CA ILE B 112 -19.10 -11.45 3.11
C ILE B 112 -18.63 -12.80 3.65
N LEU B 113 -19.57 -13.74 3.78
CA LEU B 113 -19.28 -15.05 4.31
C LEU B 113 -19.40 -16.17 3.29
N VAL B 114 -18.61 -17.21 3.47
CA VAL B 114 -18.62 -18.36 2.60
C VAL B 114 -18.56 -19.59 3.48
N VAL B 115 -18.99 -20.72 2.92
CA VAL B 115 -18.90 -21.99 3.58
C VAL B 115 -18.95 -23.01 2.46
N GLY B 116 -18.39 -24.19 2.71
CA GLY B 116 -18.37 -25.25 1.72
C GLY B 116 -17.01 -25.41 1.11
N PRO B 117 -16.78 -26.53 0.39
CA PRO B 117 -17.79 -27.58 0.20
C PRO B 117 -18.04 -28.44 1.43
N VAL B 118 -19.33 -28.76 1.63
CA VAL B 118 -19.80 -29.60 2.72
C VAL B 118 -20.92 -30.46 2.11
N PRO B 119 -21.19 -31.64 2.69
CA PRO B 119 -22.22 -32.58 2.24
C PRO B 119 -23.61 -31.96 2.14
N GLY B 120 -24.25 -32.14 0.98
CA GLY B 120 -25.57 -31.60 0.77
C GLY B 120 -26.69 -32.39 1.40
N LYS B 121 -26.47 -33.67 1.69
CA LYS B 121 -27.53 -34.45 2.32
C LYS B 121 -27.74 -33.89 3.73
N LYS B 122 -26.66 -33.37 4.31
CA LYS B 122 -26.73 -32.78 5.64
C LYS B 122 -27.02 -31.28 5.63
N TYR B 123 -26.34 -30.55 4.75
CA TYR B 123 -26.50 -29.09 4.73
C TYR B 123 -27.28 -28.46 3.59
N SER B 124 -28.27 -29.18 3.09
CA SER B 124 -29.10 -28.68 2.03
C SER B 124 -29.73 -27.38 2.59
N GLU B 125 -29.88 -27.35 3.90
CA GLU B 125 -30.40 -26.16 4.57
C GLU B 125 -29.35 -25.74 5.57
N MET B 126 -29.14 -24.44 5.70
CA MET B 126 -28.14 -23.95 6.64
C MET B 126 -28.57 -22.69 7.36
N VAL B 127 -28.05 -22.51 8.57
CA VAL B 127 -28.34 -21.35 9.38
C VAL B 127 -27.05 -20.61 9.63
N VAL B 128 -27.08 -19.31 9.40
CA VAL B 128 -25.90 -18.49 9.59
C VAL B 128 -26.23 -17.49 10.70
N PRO B 129 -25.46 -17.53 11.80
CA PRO B 129 -25.64 -16.63 12.95
C PRO B 129 -24.94 -15.31 12.63
N ILE B 130 -25.72 -14.25 12.44
CA ILE B 130 -25.14 -12.96 12.07
C ILE B 130 -25.32 -11.92 13.16
N LEU B 131 -24.29 -11.09 13.33
CA LEU B 131 -24.34 -10.03 14.31
C LEU B 131 -24.56 -8.71 13.58
N SER B 132 -25.67 -8.05 13.88
CA SER B 132 -25.98 -6.75 13.30
C SER B 132 -25.01 -5.76 13.95
N PRO B 133 -24.73 -4.65 13.26
CA PRO B 133 -23.81 -3.63 13.77
C PRO B 133 -24.54 -2.63 14.66
N ASP B 134 -23.81 -1.61 15.10
CA ASP B 134 -24.35 -0.57 15.97
C ASP B 134 -23.95 0.79 15.41
N PRO B 135 -24.87 1.48 14.71
CA PRO B 135 -24.65 2.80 14.10
C PRO B 135 -24.19 3.85 15.10
N ALA B 136 -24.26 3.50 16.39
CA ALA B 136 -23.84 4.41 17.45
C ALA B 136 -22.33 4.28 17.59
N LYS B 137 -21.83 3.06 17.40
CA LYS B 137 -20.39 2.83 17.47
C LYS B 137 -19.82 3.00 16.06
N ASN B 138 -20.20 2.11 15.13
CA ASN B 138 -19.72 2.19 13.75
C ASN B 138 -20.50 3.22 12.94
N LYS B 139 -19.92 4.39 12.73
CA LYS B 139 -20.62 5.45 12.00
C LYS B 139 -20.74 5.22 10.51
N ASN B 140 -20.17 4.15 10.00
CA ASN B 140 -20.30 3.90 8.58
C ASN B 140 -21.68 3.32 8.31
N VAL B 141 -22.31 2.80 9.35
CA VAL B 141 -23.65 2.24 9.19
C VAL B 141 -24.72 3.17 9.77
N SER B 142 -25.95 3.02 9.30
CA SER B 142 -27.07 3.81 9.78
C SER B 142 -28.30 2.91 9.88
N TYR B 143 -29.44 3.46 10.33
CA TYR B 143 -30.67 2.68 10.51
C TYR B 143 -31.48 2.57 9.21
N LEU B 144 -30.87 1.95 8.21
CA LEU B 144 -31.49 1.84 6.90
C LEU B 144 -32.02 0.46 6.58
N LYS B 145 -32.64 0.37 5.41
CA LYS B 145 -33.14 -0.88 4.87
C LYS B 145 -31.92 -1.20 4.04
N TYR B 146 -31.31 -2.34 4.29
CA TYR B 146 -30.10 -2.78 3.58
C TYR B 146 -30.38 -4.05 2.78
N PRO B 147 -29.78 -4.18 1.58
CA PRO B 147 -29.96 -5.36 0.74
C PRO B 147 -28.99 -6.48 1.18
N ILE B 148 -29.35 -7.71 0.86
CA ILE B 148 -28.54 -8.86 1.18
C ILE B 148 -28.56 -9.70 -0.09
N TYR B 149 -27.38 -10.11 -0.55
CA TYR B 149 -27.27 -10.93 -1.76
C TYR B 149 -26.75 -12.31 -1.38
N PHE B 150 -27.29 -13.33 -2.03
CA PHE B 150 -26.91 -14.70 -1.71
C PHE B 150 -26.76 -15.54 -2.98
N GLY B 151 -25.80 -16.46 -2.94
CA GLY B 151 -25.54 -17.34 -4.05
C GLY B 151 -25.28 -18.70 -3.46
N GLY B 152 -26.04 -19.70 -3.89
CA GLY B 152 -25.88 -21.03 -3.33
C GLY B 152 -25.68 -22.07 -4.40
N ASN B 153 -24.71 -22.95 -4.17
CA ASN B 153 -24.44 -23.99 -5.14
C ASN B 153 -24.42 -25.41 -4.61
N ARG B 154 -24.88 -26.33 -5.44
CA ARG B 154 -24.78 -27.75 -5.11
C ARG B 154 -24.24 -28.45 -6.36
N GLY B 155 -23.26 -29.33 -6.18
CA GLY B 155 -22.71 -30.04 -7.33
C GLY B 155 -21.49 -29.43 -7.99
N ARG B 156 -20.64 -30.31 -8.47
CA ARG B 156 -19.38 -29.95 -9.11
C ARG B 156 -19.57 -29.03 -10.31
N GLY B 157 -18.67 -28.08 -10.45
CA GLY B 157 -18.74 -27.13 -11.56
C GLY B 157 -18.30 -27.70 -12.90
N GLN B 158 -18.34 -26.85 -13.93
CA GLN B 158 -17.98 -27.23 -15.29
C GLN B 158 -16.58 -26.80 -15.79
N VAL B 159 -16.00 -25.79 -15.15
CA VAL B 159 -14.70 -25.25 -15.56
C VAL B 159 -13.85 -24.94 -14.34
N TYR B 160 -12.54 -25.11 -14.48
CA TYR B 160 -11.60 -24.83 -13.40
C TYR B 160 -11.04 -23.43 -13.61
N PRO B 161 -10.38 -22.88 -12.59
CA PRO B 161 -9.83 -21.52 -12.75
C PRO B 161 -9.02 -21.33 -14.04
N ASP B 162 -8.18 -22.30 -14.41
CA ASP B 162 -7.38 -22.11 -15.61
C ASP B 162 -8.10 -22.32 -16.93
N GLY B 163 -9.40 -22.59 -16.89
CA GLY B 163 -10.10 -22.77 -18.15
C GLY B 163 -10.31 -24.19 -18.58
N LYS B 164 -9.73 -25.12 -17.82
CA LYS B 164 -9.87 -26.54 -18.09
C LYS B 164 -11.29 -26.93 -17.76
N LYS B 165 -11.80 -27.92 -18.49
CA LYS B 165 -13.15 -28.42 -18.27
C LYS B 165 -13.13 -29.53 -17.23
N SER B 166 -14.21 -29.66 -16.49
CA SER B 166 -14.31 -30.75 -15.53
C SER B 166 -14.92 -31.87 -16.39
N ASN B 167 -15.07 -33.04 -15.81
CA ASN B 167 -15.65 -34.16 -16.52
C ASN B 167 -17.18 -34.10 -16.32
N ASN B 168 -17.66 -33.02 -15.74
CA ASN B 168 -19.10 -32.89 -15.47
C ASN B 168 -19.81 -31.99 -16.47
N THR B 169 -19.52 -32.19 -17.75
CA THR B 169 -20.16 -31.41 -18.78
C THR B 169 -20.17 -32.15 -20.11
N ILE B 170 -20.61 -31.47 -21.17
CA ILE B 170 -20.67 -32.09 -22.49
C ILE B 170 -19.32 -32.09 -23.19
N TYR B 171 -18.98 -33.18 -23.86
CA TYR B 171 -17.74 -33.23 -24.64
C TYR B 171 -18.18 -33.32 -26.09
N ASN B 172 -17.70 -32.40 -26.91
CA ASN B 172 -18.07 -32.38 -28.31
C ASN B 172 -16.91 -32.84 -29.18
N ALA B 173 -17.27 -33.40 -30.34
CA ALA B 173 -16.31 -33.90 -31.31
C ALA B 173 -15.41 -32.77 -31.80
N SER B 174 -14.13 -33.08 -32.00
CA SER B 174 -13.16 -32.07 -32.46
C SER B 174 -13.09 -31.92 -33.99
N ALA B 175 -13.60 -32.91 -34.72
CA ALA B 175 -13.57 -32.84 -36.18
C ALA B 175 -14.76 -33.60 -36.76
N ALA B 176 -15.08 -33.32 -38.02
CA ALA B 176 -16.18 -33.99 -38.68
C ALA B 176 -15.60 -35.23 -39.35
N GLY B 177 -16.33 -36.33 -39.31
CA GLY B 177 -15.84 -37.56 -39.93
C GLY B 177 -16.62 -38.79 -39.50
N LYS B 178 -16.02 -39.96 -39.71
CA LYS B 178 -16.65 -41.23 -39.35
C LYS B 178 -16.01 -41.87 -38.11
N ILE B 179 -16.84 -42.21 -37.14
CA ILE B 179 -16.32 -42.82 -35.94
C ILE B 179 -15.91 -44.22 -36.28
N VAL B 180 -14.60 -44.43 -36.42
CA VAL B 180 -14.05 -45.73 -36.77
C VAL B 180 -13.85 -46.62 -35.55
N ALA B 181 -13.49 -46.01 -34.42
CA ALA B 181 -13.30 -46.81 -33.21
C ALA B 181 -13.60 -46.10 -31.91
N ILE B 182 -14.15 -46.88 -30.98
CA ILE B 182 -14.47 -46.38 -29.67
C ILE B 182 -13.82 -47.37 -28.74
N THR B 183 -12.72 -46.95 -28.12
CA THR B 183 -12.02 -47.81 -27.20
C THR B 183 -11.95 -47.10 -25.86
N ALA B 184 -12.01 -47.89 -24.79
CA ALA B 184 -11.95 -47.35 -23.45
C ALA B 184 -10.70 -46.50 -23.26
N LEU B 185 -10.82 -45.40 -22.52
CA LEU B 185 -9.66 -44.56 -22.26
C LEU B 185 -8.81 -45.37 -21.29
N SER B 186 -9.46 -45.91 -20.27
CA SER B 186 -8.75 -46.72 -19.30
C SER B 186 -9.38 -48.10 -19.16
N GLU B 187 -8.54 -49.11 -19.08
CA GLU B 187 -9.03 -50.46 -18.89
C GLU B 187 -9.43 -50.54 -17.42
N LYS B 188 -10.73 -50.49 -17.15
CA LYS B 188 -11.26 -50.56 -15.78
C LYS B 188 -11.53 -49.23 -15.09
N LYS B 189 -11.06 -48.12 -15.66
CA LYS B 189 -11.32 -46.81 -15.04
C LYS B 189 -12.29 -45.99 -15.87
N GLY B 190 -12.64 -46.50 -17.05
CA GLY B 190 -13.59 -45.82 -17.90
C GLY B 190 -12.98 -44.82 -18.84
N GLY B 191 -13.84 -44.00 -19.43
CA GLY B 191 -13.39 -43.00 -20.37
C GLY B 191 -13.41 -43.60 -21.75
N PHE B 192 -13.19 -42.76 -22.76
CA PHE B 192 -13.22 -43.23 -24.13
C PHE B 192 -12.30 -42.50 -25.07
N GLU B 193 -11.85 -43.26 -26.07
CA GLU B 193 -10.97 -42.77 -27.13
C GLU B 193 -11.86 -42.92 -28.36
N VAL B 194 -12.39 -41.81 -28.86
CA VAL B 194 -13.28 -41.91 -30.01
C VAL B 194 -12.46 -41.65 -31.26
N SER B 195 -12.28 -42.69 -32.05
CA SER B 195 -11.51 -42.58 -33.28
C SER B 195 -12.41 -42.06 -34.38
N ILE B 196 -12.10 -40.86 -34.85
CA ILE B 196 -12.90 -40.24 -35.89
C ILE B 196 -12.09 -40.01 -37.17
N GLU B 197 -12.40 -40.80 -38.19
CA GLU B 197 -11.71 -40.69 -39.47
C GLU B 197 -12.19 -39.45 -40.21
N LYS B 198 -11.35 -38.44 -40.31
CA LYS B 198 -11.72 -37.23 -41.02
C LYS B 198 -11.99 -37.60 -42.47
N ALA B 199 -12.53 -36.66 -43.24
CA ALA B 199 -12.81 -36.93 -44.64
C ALA B 199 -11.54 -37.40 -45.35
N ASN B 200 -10.46 -36.62 -45.22
CA ASN B 200 -9.18 -36.94 -45.88
C ASN B 200 -8.50 -38.24 -45.43
N GLY B 201 -9.19 -39.03 -44.60
CA GLY B 201 -8.63 -40.29 -44.14
C GLY B 201 -7.79 -40.20 -42.87
N GLU B 202 -7.42 -38.99 -42.47
CA GLU B 202 -6.65 -38.82 -41.26
C GLU B 202 -7.53 -39.16 -40.05
N VAL B 203 -7.02 -40.03 -39.17
CA VAL B 203 -7.78 -40.39 -37.99
C VAL B 203 -7.33 -39.56 -36.79
N VAL B 204 -8.29 -39.15 -35.98
CA VAL B 204 -8.00 -38.39 -34.78
C VAL B 204 -8.85 -38.94 -33.66
N VAL B 205 -8.23 -39.02 -32.49
CA VAL B 205 -8.91 -39.55 -31.32
C VAL B 205 -9.22 -38.45 -30.30
N ASP B 206 -10.46 -38.46 -29.84
CA ASP B 206 -10.92 -37.51 -28.82
C ASP B 206 -11.02 -38.32 -27.55
N LYS B 207 -10.30 -37.90 -26.52
CA LYS B 207 -10.35 -38.60 -25.23
C LYS B 207 -11.47 -37.98 -24.39
N ILE B 208 -12.33 -38.85 -23.89
CA ILE B 208 -13.45 -38.46 -23.05
C ILE B 208 -13.22 -39.16 -21.71
N PRO B 209 -13.15 -38.38 -20.63
CA PRO B 209 -12.94 -39.04 -19.35
C PRO B 209 -14.20 -39.77 -18.92
N ALA B 210 -14.07 -40.67 -17.95
CA ALA B 210 -15.23 -41.38 -17.45
C ALA B 210 -16.10 -40.35 -16.71
N GLY B 211 -17.41 -40.57 -16.74
CA GLY B 211 -18.36 -39.70 -16.09
C GLY B 211 -19.50 -39.48 -17.06
N PRO B 212 -19.29 -38.66 -18.07
CA PRO B 212 -20.34 -38.40 -19.05
C PRO B 212 -20.53 -39.68 -19.87
N ASP B 213 -21.75 -39.92 -20.36
CA ASP B 213 -22.01 -41.11 -21.16
C ASP B 213 -21.84 -40.78 -22.63
N LEU B 214 -21.32 -41.73 -23.39
CA LEU B 214 -21.15 -41.52 -24.83
C LEU B 214 -22.52 -41.66 -25.49
N ILE B 215 -22.79 -40.83 -26.49
CA ILE B 215 -24.07 -40.95 -27.18
C ILE B 215 -23.83 -41.29 -28.65
N VAL B 216 -22.56 -41.48 -29.01
CA VAL B 216 -22.20 -41.84 -30.38
C VAL B 216 -21.71 -43.27 -30.37
N LYS B 217 -21.84 -43.97 -31.50
CA LYS B 217 -21.41 -45.36 -31.58
C LYS B 217 -20.47 -45.58 -32.77
N GLU B 218 -19.83 -46.75 -32.81
CA GLU B 218 -18.93 -47.06 -33.91
C GLU B 218 -19.75 -47.17 -35.20
N GLY B 219 -19.25 -46.55 -36.26
CA GLY B 219 -19.93 -46.60 -37.53
C GLY B 219 -20.67 -45.30 -37.78
N GLN B 220 -20.84 -44.52 -36.73
CA GLN B 220 -21.53 -43.25 -36.86
C GLN B 220 -20.62 -42.19 -37.45
N THR B 221 -21.21 -41.31 -38.25
CA THR B 221 -20.51 -40.21 -38.86
C THR B 221 -20.91 -39.02 -38.02
N VAL B 222 -19.99 -38.10 -37.77
CA VAL B 222 -20.31 -36.95 -36.94
C VAL B 222 -19.82 -35.67 -37.55
N GLN B 223 -20.41 -34.57 -37.13
CA GLN B 223 -19.99 -33.26 -37.61
C GLN B 223 -19.17 -32.61 -36.51
N ALA B 224 -18.32 -31.66 -36.88
CA ALA B 224 -17.49 -30.97 -35.89
C ALA B 224 -18.37 -30.38 -34.81
N ASP B 225 -17.86 -30.36 -33.58
CA ASP B 225 -18.57 -29.82 -32.41
C ASP B 225 -19.86 -30.54 -32.00
N GLN B 226 -20.17 -31.64 -32.67
CA GLN B 226 -21.34 -32.39 -32.32
C GLN B 226 -21.03 -33.01 -30.94
N PRO B 227 -22.00 -32.97 -30.01
CA PRO B 227 -21.68 -33.56 -28.72
C PRO B 227 -21.48 -35.06 -28.84
N LEU B 228 -20.44 -35.57 -28.21
CA LEU B 228 -20.15 -37.01 -28.26
C LEU B 228 -20.67 -37.64 -26.98
N THR B 229 -21.20 -36.80 -26.09
CA THR B 229 -21.74 -37.28 -24.83
C THR B 229 -22.99 -36.50 -24.45
N ASN B 230 -23.55 -36.87 -23.32
CA ASN B 230 -24.72 -36.20 -22.78
C ASN B 230 -24.18 -35.09 -21.91
N ASN B 231 -25.06 -34.42 -21.19
CA ASN B 231 -24.61 -33.39 -20.27
C ASN B 231 -24.93 -34.02 -18.93
N PRO B 232 -23.90 -34.52 -18.23
CA PRO B 232 -24.09 -35.16 -16.93
C PRO B 232 -24.42 -34.27 -15.74
N ASN B 233 -24.16 -32.98 -15.84
CA ASN B 233 -24.45 -32.10 -14.71
C ASN B 233 -25.86 -32.29 -14.11
N VAL B 234 -25.94 -32.49 -12.79
CA VAL B 234 -27.24 -32.62 -12.10
C VAL B 234 -27.40 -31.53 -11.03
N GLY B 235 -26.33 -30.77 -10.79
CA GLY B 235 -26.40 -29.73 -9.79
C GLY B 235 -26.71 -28.36 -10.38
N GLY B 236 -26.46 -27.32 -9.62
CA GLY B 236 -26.73 -26.01 -10.14
C GLY B 236 -26.41 -24.92 -9.15
N PHE B 237 -26.30 -23.71 -9.68
CA PHE B 237 -26.03 -22.57 -8.85
C PHE B 237 -27.26 -21.70 -8.94
N GLY B 238 -27.62 -21.05 -7.84
CA GLY B 238 -28.77 -20.16 -7.84
C GLY B 238 -28.48 -18.97 -6.95
N GLN B 239 -29.21 -17.88 -7.15
CA GLN B 239 -29.03 -16.66 -6.35
C GLN B 239 -30.37 -16.15 -5.85
N ALA B 240 -30.31 -15.29 -4.84
CA ALA B 240 -31.50 -14.67 -4.28
C ALA B 240 -31.10 -13.32 -3.72
N GLU B 241 -32.08 -12.47 -3.52
CA GLU B 241 -31.80 -11.16 -2.97
C GLU B 241 -32.86 -10.85 -1.95
N THR B 242 -32.45 -10.41 -0.77
CA THR B 242 -33.43 -10.06 0.25
C THR B 242 -32.98 -8.76 0.92
N GLU B 243 -33.65 -8.39 2.02
CA GLU B 243 -33.30 -7.15 2.72
C GLU B 243 -33.64 -7.21 4.20
N ILE B 244 -33.10 -6.25 4.94
CA ILE B 244 -33.34 -6.18 6.37
C ILE B 244 -33.18 -4.74 6.84
N VAL B 245 -33.96 -4.37 7.85
CA VAL B 245 -33.91 -3.04 8.38
C VAL B 245 -33.19 -3.04 9.72
N LEU B 246 -32.24 -2.12 9.88
CA LEU B 246 -31.52 -1.99 11.13
C LEU B 246 -32.33 -1.00 11.98
N GLN B 247 -33.04 -1.55 12.96
CA GLN B 247 -33.90 -0.76 13.82
C GLN B 247 -33.17 0.24 14.69
N ASN B 248 -33.84 1.36 14.90
CA ASN B 248 -33.33 2.44 15.73
C ASN B 248 -34.21 2.44 16.99
N PRO B 249 -33.81 1.66 18.00
CA PRO B 249 -34.54 1.54 19.26
C PRO B 249 -34.81 2.88 19.95
N ALA B 250 -36.02 3.04 20.46
CA ALA B 250 -36.45 4.26 21.14
C ALA B 250 -35.45 4.72 22.19
N ARG B 251 -35.92 4.87 23.43
CA ARG B 251 -35.04 5.31 24.52
C ARG B 251 -34.21 4.15 25.08
N TYR C 1 -1.08 18.14 -3.86
CA TYR C 1 -1.67 17.62 -5.11
C TYR C 1 -0.57 17.06 -6.00
N PRO C 2 -0.97 16.23 -6.96
CA PRO C 2 -0.03 15.62 -7.91
C PRO C 2 0.62 16.76 -8.70
N VAL C 3 -0.19 17.76 -9.00
CA VAL C 3 0.31 18.87 -9.78
C VAL C 3 1.49 19.58 -9.07
N PHE C 4 1.52 19.58 -7.74
CA PHE C 4 2.66 20.16 -6.99
C PHE C 4 3.92 19.33 -7.22
N ALA C 5 3.74 18.01 -7.33
CA ALA C 5 4.86 17.12 -7.58
C ALA C 5 5.39 17.44 -8.98
N GLN C 6 4.45 17.54 -9.92
CA GLN C 6 4.79 17.83 -11.31
C GLN C 6 5.44 19.20 -11.45
N GLN C 7 4.91 20.15 -10.71
CA GLN C 7 5.40 21.51 -10.76
C GLN C 7 6.75 21.69 -10.06
N ASN C 8 7.13 20.73 -9.21
CA ASN C 8 8.35 20.86 -8.43
C ASN C 8 9.39 19.75 -8.51
N TYR C 9 9.02 18.59 -9.00
CA TYR C 9 10.01 17.53 -9.09
C TYR C 9 9.96 16.94 -10.48
N ALA C 10 11.09 16.97 -11.19
CA ALA C 10 11.14 16.44 -12.55
C ALA C 10 10.87 14.94 -12.52
N ASN C 11 11.44 14.28 -11.50
CA ASN C 11 11.23 12.85 -11.30
C ASN C 11 10.61 12.63 -9.92
N PRO C 12 9.38 12.08 -9.87
CA PRO C 12 8.60 11.80 -8.66
C PRO C 12 9.14 10.71 -7.75
N ARG C 13 10.14 9.97 -8.23
CA ARG C 13 10.72 8.88 -7.43
C ARG C 13 12.20 9.07 -7.19
N GLU C 14 12.62 8.86 -5.95
CA GLU C 14 14.03 9.01 -5.58
C GLU C 14 14.71 7.66 -5.66
N ALA C 15 16.04 7.68 -5.75
CA ALA C 15 16.82 6.46 -5.87
C ALA C 15 16.48 5.33 -4.89
N ASN C 16 16.23 5.62 -3.61
CA ASN C 16 15.91 4.55 -2.66
C ASN C 16 14.44 4.10 -2.64
N GLY C 17 13.64 4.68 -3.51
CA GLY C 17 12.23 4.30 -3.60
C GLY C 17 11.24 5.38 -3.19
N ARG C 18 11.67 6.33 -2.37
CA ARG C 18 10.78 7.36 -1.91
C ARG C 18 10.12 8.14 -3.04
N ILE C 19 8.83 8.38 -2.87
CA ILE C 19 8.06 9.14 -3.85
C ILE C 19 7.80 10.51 -3.24
N VAL C 20 8.12 11.56 -3.99
CA VAL C 20 8.01 12.93 -3.50
C VAL C 20 6.75 13.43 -2.77
N CYS C 21 5.62 12.76 -2.90
CA CYS C 21 4.41 13.21 -2.21
C CYS C 21 4.68 13.28 -0.71
N ALA C 22 5.57 12.40 -0.25
CA ALA C 22 5.94 12.32 1.16
C ALA C 22 6.60 13.57 1.74
N ASN C 23 7.05 14.47 0.88
CA ASN C 23 7.69 15.69 1.30
C ASN C 23 6.70 16.63 1.98
N CYS C 24 5.42 16.50 1.64
CA CYS C 24 4.38 17.37 2.21
C CYS C 24 3.26 16.62 2.92
N HIS C 25 2.98 15.41 2.46
CA HIS C 25 1.93 14.58 3.04
C HIS C 25 2.69 13.70 4.02
N LEU C 26 2.75 14.18 5.25
CA LEU C 26 3.52 13.58 6.33
C LEU C 26 3.00 12.37 7.10
N ALA C 27 1.75 11.98 6.87
CA ALA C 27 1.20 10.83 7.56
C ALA C 27 1.32 9.65 6.62
N GLN C 28 1.46 8.47 7.19
CA GLN C 28 1.59 7.27 6.41
C GLN C 28 0.35 6.40 6.48
N LYS C 29 -0.10 5.94 5.32
CA LYS C 29 -1.24 5.06 5.27
C LYS C 29 -1.06 4.13 4.10
N ALA C 30 -1.19 2.83 4.37
CA ALA C 30 -1.02 1.75 3.41
C ALA C 30 -1.85 1.85 2.14
N VAL C 31 -1.31 1.31 1.06
CA VAL C 31 -1.99 1.29 -0.23
C VAL C 31 -1.67 -0.04 -0.87
N GLU C 32 -2.32 -0.34 -2.00
CA GLU C 32 -2.10 -1.59 -2.69
C GLU C 32 -2.21 -1.39 -4.18
N ILE C 33 -1.47 -2.21 -4.91
CA ILE C 33 -1.53 -2.17 -6.35
C ILE C 33 -1.46 -3.59 -6.89
N GLU C 34 -2.28 -3.88 -7.90
CA GLU C 34 -2.27 -5.21 -8.46
C GLU C 34 -2.33 -5.15 -9.96
N VAL C 35 -1.48 -5.95 -10.59
CA VAL C 35 -1.47 -6.06 -12.03
C VAL C 35 -1.28 -7.54 -12.29
N PRO C 36 -1.54 -7.98 -13.53
CA PRO C 36 -1.36 -9.40 -13.80
C PRO C 36 0.13 -9.72 -13.73
N GLN C 37 0.47 -10.96 -13.47
CA GLN C 37 1.87 -11.36 -13.40
C GLN C 37 2.56 -11.09 -14.74
N ALA C 38 1.82 -11.22 -15.84
CA ALA C 38 2.41 -11.00 -17.16
C ALA C 38 1.42 -10.49 -18.17
N VAL C 39 1.94 -9.84 -19.19
CA VAL C 39 1.12 -9.35 -20.25
C VAL C 39 1.96 -9.47 -21.52
N LEU C 40 1.30 -9.80 -22.63
CA LEU C 40 1.98 -9.94 -23.90
C LEU C 40 2.17 -8.53 -24.47
N PRO C 41 2.95 -8.40 -25.55
CA PRO C 41 3.18 -7.10 -26.18
C PRO C 41 1.89 -6.44 -26.69
N ASP C 42 1.93 -5.13 -26.84
CA ASP C 42 0.79 -4.37 -27.36
C ASP C 42 -0.58 -4.86 -26.88
N THR C 43 -0.69 -5.15 -25.58
CA THR C 43 -1.99 -5.58 -25.10
C THR C 43 -2.43 -4.80 -23.87
N VAL C 44 -3.73 -4.54 -23.83
CA VAL C 44 -4.32 -3.80 -22.74
C VAL C 44 -4.54 -4.61 -21.48
N PHE C 45 -4.17 -4.02 -20.34
CA PHE C 45 -4.38 -4.66 -19.05
C PHE C 45 -4.70 -3.61 -17.99
N GLU C 46 -5.14 -4.05 -16.83
CA GLU C 46 -5.53 -3.14 -15.76
C GLU C 46 -4.67 -3.22 -14.54
N ALA C 47 -4.53 -2.07 -13.88
CA ALA C 47 -3.80 -2.00 -12.65
C ALA C 47 -4.94 -1.64 -11.70
N VAL C 48 -5.06 -2.35 -10.59
CA VAL C 48 -6.08 -2.06 -9.61
C VAL C 48 -5.37 -1.47 -8.40
N ILE C 49 -5.71 -0.22 -8.07
CA ILE C 49 -5.07 0.46 -6.96
C ILE C 49 -6.04 0.72 -5.84
N GLU C 50 -5.55 0.65 -4.62
CA GLU C 50 -6.41 0.86 -3.46
C GLU C 50 -5.84 1.93 -2.55
N LEU C 51 -6.71 2.80 -2.05
CA LEU C 51 -6.32 3.86 -1.12
C LEU C 51 -7.29 3.80 0.04
N PRO C 52 -7.29 2.68 0.77
CA PRO C 52 -8.20 2.50 1.92
C PRO C 52 -8.10 3.51 3.04
N TYR C 53 -9.24 3.92 3.55
CA TYR C 53 -9.30 4.83 4.69
C TYR C 53 -10.73 4.78 5.19
N ASP C 54 -10.92 5.13 6.46
CA ASP C 54 -12.23 5.12 7.10
C ASP C 54 -12.98 6.36 6.66
N LYS C 55 -13.93 6.16 5.78
CA LYS C 55 -14.69 7.29 5.26
C LYS C 55 -15.62 8.00 6.25
N GLN C 56 -15.73 7.48 7.47
CA GLN C 56 -16.58 8.12 8.50
C GLN C 56 -15.82 9.24 9.20
N VAL C 57 -14.50 9.25 9.05
CA VAL C 57 -13.63 10.25 9.68
C VAL C 57 -13.39 11.46 8.78
N LYS C 58 -14.05 12.55 9.07
CA LYS C 58 -13.88 13.75 8.27
C LYS C 58 -12.52 14.37 8.56
N GLN C 59 -12.08 15.26 7.69
CA GLN C 59 -10.79 15.92 7.88
C GLN C 59 -11.02 17.43 7.99
N VAL C 60 -9.96 18.14 8.34
CA VAL C 60 -10.00 19.58 8.45
C VAL C 60 -9.90 20.14 7.03
N LEU C 61 -10.84 20.98 6.65
CA LEU C 61 -10.81 21.60 5.34
C LEU C 61 -10.11 22.97 5.40
N ALA C 62 -9.62 23.45 4.25
CA ALA C 62 -8.93 24.73 4.17
C ALA C 62 -9.75 25.82 4.85
N ASN C 63 -11.08 25.78 4.70
CA ASN C 63 -11.90 26.81 5.34
C ASN C 63 -12.05 26.63 6.84
N GLY C 64 -11.38 25.63 7.40
CA GLY C 64 -11.49 25.42 8.83
C GLY C 64 -12.55 24.43 9.26
N LYS C 65 -13.51 24.13 8.38
CA LYS C 65 -14.57 23.19 8.72
C LYS C 65 -14.10 21.75 8.51
N LYS C 66 -14.98 20.78 8.74
CA LYS C 66 -14.63 19.38 8.57
C LYS C 66 -15.35 18.81 7.35
N GLY C 67 -14.77 17.80 6.70
CA GLY C 67 -15.41 17.21 5.53
C GLY C 67 -14.71 16.03 4.87
N ASP C 68 -15.15 15.71 3.65
CA ASP C 68 -14.60 14.59 2.88
C ASP C 68 -13.15 14.77 2.47
N LEU C 69 -12.52 13.64 2.16
CA LEU C 69 -11.14 13.60 1.70
C LEU C 69 -11.14 13.29 0.22
N ASN C 70 -10.15 13.81 -0.48
CA ASN C 70 -9.98 13.54 -1.90
C ASN C 70 -8.75 12.70 -1.93
N VAL C 71 -8.60 11.95 -3.02
CA VAL C 71 -7.45 11.08 -3.19
C VAL C 71 -6.75 11.45 -4.50
N GLY C 72 -5.52 10.96 -4.63
CA GLY C 72 -4.70 11.24 -5.81
C GLY C 72 -3.58 10.22 -5.81
N MET C 73 -2.88 10.09 -6.93
CA MET C 73 -1.81 9.10 -6.98
C MET C 73 -0.81 9.31 -8.11
N VAL C 74 0.37 8.70 -7.96
CA VAL C 74 1.34 8.74 -9.04
C VAL C 74 1.69 7.28 -9.29
N LEU C 75 1.73 6.90 -10.55
CA LEU C 75 1.99 5.51 -10.91
C LEU C 75 3.13 5.51 -11.91
N ILE C 76 4.19 4.78 -11.55
CA ILE C 76 5.37 4.72 -12.38
C ILE C 76 5.53 3.39 -13.09
N LEU C 77 5.19 3.39 -14.36
CA LEU C 77 5.27 2.22 -15.21
C LEU C 77 6.61 2.18 -15.93
N PRO C 78 6.99 1.00 -16.45
CA PRO C 78 8.26 0.88 -17.16
C PRO C 78 8.10 1.66 -18.47
N GLU C 79 9.16 2.31 -18.95
CA GLU C 79 9.07 3.05 -20.20
C GLU C 79 8.41 2.16 -21.26
N GLY C 80 7.66 2.76 -22.18
CA GLY C 80 6.99 1.96 -23.17
C GLY C 80 5.54 1.73 -22.77
N PHE C 81 5.30 1.62 -21.47
CA PHE C 81 3.95 1.43 -20.95
C PHE C 81 3.25 2.78 -20.84
N GLU C 82 1.97 2.81 -21.21
CA GLU C 82 1.23 4.06 -21.17
C GLU C 82 -0.26 3.86 -20.95
N LEU C 83 -0.96 4.97 -20.73
CA LEU C 83 -2.40 4.89 -20.58
C LEU C 83 -2.93 4.30 -21.89
N ALA C 84 -3.82 3.33 -21.79
CA ALA C 84 -4.39 2.73 -22.98
C ALA C 84 -5.26 3.75 -23.71
N PRO C 85 -5.01 3.97 -25.01
CA PRO C 85 -5.85 4.94 -25.72
C PRO C 85 -7.28 4.43 -25.63
N PRO C 86 -8.24 5.33 -25.52
CA PRO C 86 -9.67 5.06 -25.40
C PRO C 86 -10.20 4.00 -26.35
N ASP C 87 -9.66 3.98 -27.56
CA ASP C 87 -10.11 3.03 -28.57
C ASP C 87 -9.69 1.62 -28.27
N ARG C 88 -8.70 1.47 -27.41
CA ARG C 88 -8.22 0.16 -27.04
C ARG C 88 -8.89 -0.32 -25.76
N VAL C 89 -9.69 0.54 -25.13
CA VAL C 89 -10.33 0.20 -23.87
C VAL C 89 -11.76 -0.31 -23.92
N PRO C 90 -11.96 -1.61 -23.65
CA PRO C 90 -13.33 -2.14 -23.68
C PRO C 90 -14.26 -1.30 -22.82
N ALA C 91 -15.47 -1.13 -23.32
CA ALA C 91 -16.48 -0.35 -22.65
C ALA C 91 -16.72 -0.71 -21.18
N GLU C 92 -16.63 -2.01 -20.87
CA GLU C 92 -16.85 -2.45 -19.49
C GLU C 92 -15.74 -1.94 -18.57
N ILE C 93 -14.51 -1.98 -19.04
CA ILE C 93 -13.39 -1.47 -18.25
C ILE C 93 -13.51 0.05 -18.13
N LYS C 94 -13.89 0.73 -19.21
CA LYS C 94 -14.07 2.17 -19.16
C LYS C 94 -15.07 2.43 -18.03
N GLU C 95 -16.10 1.60 -17.97
CA GLU C 95 -17.13 1.69 -16.96
C GLU C 95 -16.49 1.63 -15.56
N LYS C 96 -15.64 0.64 -15.34
CA LYS C 96 -14.97 0.47 -14.05
C LYS C 96 -14.01 1.62 -13.72
N VAL C 97 -13.40 2.17 -14.75
CA VAL C 97 -12.50 3.30 -14.55
C VAL C 97 -13.29 4.47 -14.01
N GLY C 98 -14.46 4.71 -14.59
CA GLY C 98 -15.26 5.84 -14.14
C GLY C 98 -14.80 7.13 -14.82
N ASN C 99 -15.27 8.25 -14.31
CA ASN C 99 -14.91 9.56 -14.87
C ASN C 99 -13.53 10.07 -14.40
N LEU C 100 -12.46 9.34 -14.76
CA LEU C 100 -11.11 9.73 -14.36
C LEU C 100 -10.27 10.06 -15.57
N TYR C 101 -9.37 11.01 -15.40
CA TYR C 101 -8.48 11.44 -16.46
C TYR C 101 -7.04 11.24 -16.05
N TYR C 102 -6.52 10.06 -16.29
CA TYR C 102 -5.13 9.82 -15.96
C TYR C 102 -4.34 10.70 -16.91
N GLN C 103 -3.26 11.30 -16.41
CA GLN C 103 -2.45 12.16 -17.24
C GLN C 103 -1.00 11.79 -17.07
N PRO C 104 -0.20 12.03 -18.11
CA PRO C 104 1.21 11.70 -18.00
C PRO C 104 1.87 12.80 -17.14
N TYR C 105 2.81 12.41 -16.29
CA TYR C 105 3.51 13.33 -15.41
C TYR C 105 3.93 14.59 -16.17
N SER C 106 4.45 14.38 -17.38
CA SER C 106 4.85 15.44 -18.30
C SER C 106 4.79 14.80 -19.67
N PRO C 107 4.73 15.62 -20.73
CA PRO C 107 4.67 15.14 -22.12
C PRO C 107 5.77 14.16 -22.44
N GLU C 108 6.87 14.33 -21.73
CA GLU C 108 8.06 13.52 -21.93
C GLU C 108 8.06 12.24 -21.11
N GLN C 109 7.12 12.14 -20.18
CA GLN C 109 7.03 10.97 -19.31
C GLN C 109 5.67 10.27 -19.39
N LYS C 110 5.37 9.72 -20.55
CA LYS C 110 4.10 9.05 -20.75
C LYS C 110 3.94 7.77 -19.95
N ASN C 111 5.04 7.24 -19.42
CA ASN C 111 4.94 6.04 -18.62
C ASN C 111 4.64 6.35 -17.15
N ILE C 112 4.48 7.64 -16.83
CA ILE C 112 4.15 8.01 -15.44
C ILE C 112 2.81 8.68 -15.49
N LEU C 113 1.88 8.12 -14.73
CA LEU C 113 0.53 8.64 -14.71
C LEU C 113 0.12 9.15 -13.35
N VAL C 114 -0.76 10.14 -13.36
CA VAL C 114 -1.29 10.70 -12.15
C VAL C 114 -2.76 11.02 -12.34
N VAL C 115 -3.46 11.16 -11.23
CA VAL C 115 -4.85 11.53 -11.29
C VAL C 115 -5.15 12.17 -9.93
N GLY C 116 -6.18 12.98 -9.84
CA GLY C 116 -6.51 13.61 -8.58
C GLY C 116 -6.14 15.08 -8.50
N PRO C 117 -6.71 15.83 -7.56
CA PRO C 117 -7.66 15.34 -6.57
C PRO C 117 -9.04 14.95 -7.11
N VAL C 118 -9.56 13.82 -6.61
CA VAL C 118 -10.89 13.32 -6.91
C VAL C 118 -11.44 12.81 -5.56
N PRO C 119 -12.76 12.68 -5.43
CA PRO C 119 -13.32 12.22 -4.15
C PRO C 119 -12.97 10.80 -3.72
N GLY C 120 -12.45 10.70 -2.49
CA GLY C 120 -12.07 9.40 -1.94
C GLY C 120 -13.29 8.51 -1.75
N LYS C 121 -14.44 9.14 -1.63
CA LYS C 121 -15.73 8.47 -1.45
C LYS C 121 -16.06 7.61 -2.67
N LYS C 122 -15.57 8.01 -3.83
CA LYS C 122 -15.84 7.24 -5.03
C LYS C 122 -14.61 6.55 -5.55
N TYR C 123 -13.43 7.10 -5.26
CA TYR C 123 -12.24 6.52 -5.82
C TYR C 123 -11.20 5.94 -4.88
N SER C 124 -11.67 5.38 -3.78
CA SER C 124 -10.83 4.69 -2.81
C SER C 124 -10.08 3.58 -3.59
N GLU C 125 -10.74 3.08 -4.62
CA GLU C 125 -10.16 2.07 -5.49
C GLU C 125 -10.28 2.60 -6.89
N MET C 126 -9.24 2.43 -7.69
CA MET C 126 -9.29 2.93 -9.05
C MET C 126 -8.76 1.86 -9.98
N VAL C 127 -9.23 1.88 -11.22
CA VAL C 127 -8.79 0.92 -12.21
C VAL C 127 -8.03 1.72 -13.23
N VAL C 128 -6.85 1.24 -13.59
CA VAL C 128 -6.04 1.95 -14.56
C VAL C 128 -5.78 1.10 -15.78
N PRO C 129 -6.31 1.52 -16.94
CA PRO C 129 -6.15 0.82 -18.21
C PRO C 129 -4.82 1.11 -18.86
N ILE C 130 -3.95 0.11 -18.88
CA ILE C 130 -2.65 0.30 -19.46
C ILE C 130 -2.42 -0.55 -20.70
N LEU C 131 -1.60 -0.01 -21.60
CA LEU C 131 -1.22 -0.68 -22.84
C LEU C 131 0.28 -1.07 -22.77
N SER C 132 0.58 -2.37 -22.86
CA SER C 132 1.96 -2.84 -22.82
C SER C 132 2.62 -2.42 -24.14
N PRO C 133 3.96 -2.24 -24.14
CA PRO C 133 4.71 -1.83 -25.34
C PRO C 133 5.08 -3.07 -26.17
N ASP C 134 5.68 -2.87 -27.34
CA ASP C 134 6.06 -3.96 -28.25
C ASP C 134 7.56 -3.95 -28.50
N PRO C 135 8.31 -4.87 -27.88
CA PRO C 135 9.76 -4.88 -28.12
C PRO C 135 10.07 -4.98 -29.62
N ALA C 136 9.16 -5.60 -30.36
CA ALA C 136 9.33 -5.79 -31.80
C ALA C 136 9.61 -4.48 -32.52
N LYS C 137 8.91 -3.43 -32.13
CA LYS C 137 9.07 -2.11 -32.74
C LYS C 137 9.63 -1.09 -31.75
N ASN C 138 10.05 -1.57 -30.59
CA ASN C 138 10.57 -0.67 -29.57
C ASN C 138 11.72 -1.30 -28.81
N LYS C 139 12.93 -1.04 -29.29
CA LYS C 139 14.15 -1.59 -28.70
C LYS C 139 14.46 -1.00 -27.32
N ASN C 140 13.72 0.03 -26.93
CA ASN C 140 13.91 0.68 -25.65
C ASN C 140 13.40 -0.20 -24.51
N VAL C 141 12.68 -1.25 -24.86
CA VAL C 141 12.13 -2.19 -23.88
C VAL C 141 12.30 -3.59 -24.47
N SER C 142 12.56 -4.56 -23.61
CA SER C 142 12.69 -5.95 -24.07
C SER C 142 11.82 -6.86 -23.24
N TYR C 143 11.91 -8.16 -23.48
CA TYR C 143 11.08 -9.11 -22.74
C TYR C 143 11.69 -9.37 -21.38
N LEU C 144 11.20 -8.63 -20.39
CA LEU C 144 11.72 -8.75 -19.05
C LEU C 144 10.65 -8.59 -18.01
N LYS C 145 11.07 -8.84 -16.77
CA LYS C 145 10.24 -8.69 -15.59
C LYS C 145 10.44 -7.21 -15.26
N TYR C 146 9.37 -6.44 -15.29
CA TYR C 146 9.50 -5.02 -14.99
C TYR C 146 8.83 -4.61 -13.70
N PRO C 147 9.43 -3.65 -12.99
CA PRO C 147 8.87 -3.18 -11.73
C PRO C 147 7.88 -2.05 -11.95
N ILE C 148 6.90 -1.96 -11.06
CA ILE C 148 5.90 -0.91 -11.11
C ILE C 148 5.77 -0.28 -9.72
N TYR C 149 6.00 1.03 -9.64
CA TYR C 149 5.92 1.74 -8.36
C TYR C 149 4.68 2.60 -8.27
N PHE C 150 4.13 2.73 -7.08
CA PHE C 150 2.90 3.48 -6.88
C PHE C 150 2.90 4.30 -5.58
N GLY C 151 2.35 5.50 -5.67
CA GLY C 151 2.26 6.36 -4.52
C GLY C 151 0.82 6.81 -4.47
N GLY C 152 0.18 6.65 -3.32
CA GLY C 152 -1.20 7.02 -3.22
C GLY C 152 -1.47 7.86 -2.00
N ASN C 153 -2.28 8.90 -2.19
CA ASN C 153 -2.61 9.79 -1.11
C ASN C 153 -4.08 10.09 -0.92
N ARG C 154 -4.43 10.34 0.33
CA ARG C 154 -5.78 10.78 0.67
C ARG C 154 -5.61 11.86 1.75
N GLY C 155 -6.38 12.93 1.64
CA GLY C 155 -6.29 13.95 2.65
C GLY C 155 -5.29 15.05 2.33
N ARG C 156 -5.62 16.24 2.82
CA ARG C 156 -4.81 17.42 2.60
C ARG C 156 -3.42 17.34 3.22
N GLY C 157 -2.45 17.82 2.47
CA GLY C 157 -1.07 17.84 2.94
C GLY C 157 -0.81 18.83 4.06
N GLN C 158 0.40 18.76 4.62
CA GLN C 158 0.79 19.62 5.72
C GLN C 158 1.54 20.89 5.34
N VAL C 159 2.17 20.92 4.16
CA VAL C 159 2.90 22.11 3.74
C VAL C 159 2.88 22.30 2.25
N TYR C 160 2.85 23.56 1.83
CA TYR C 160 2.82 23.92 0.43
C TYR C 160 4.20 23.98 -0.15
N PRO C 161 4.27 24.13 -1.48
CA PRO C 161 5.56 24.20 -2.17
C PRO C 161 6.52 25.21 -1.54
N ASP C 162 6.02 26.35 -1.05
CA ASP C 162 6.90 27.35 -0.46
C ASP C 162 7.24 27.14 1.02
N GLY C 163 6.85 26.01 1.58
CA GLY C 163 7.18 25.74 2.97
C GLY C 163 6.16 26.19 4.00
N LYS C 164 5.15 26.94 3.55
CA LYS C 164 4.11 27.41 4.43
C LYS C 164 3.20 26.28 4.85
N LYS C 165 2.92 26.22 6.15
CA LYS C 165 2.06 25.18 6.69
C LYS C 165 0.62 25.38 6.23
N SER C 166 -0.12 24.27 6.13
CA SER C 166 -1.54 24.32 5.79
C SER C 166 -2.21 24.31 7.16
N ASN C 167 -3.52 24.45 7.22
CA ASN C 167 -4.21 24.40 8.51
C ASN C 167 -4.46 22.95 8.94
N ASN C 168 -3.96 21.96 8.19
CA ASN C 168 -4.17 20.56 8.57
C ASN C 168 -2.88 19.97 9.14
N THR C 169 -2.40 20.56 10.22
CA THR C 169 -1.19 20.10 10.88
C THR C 169 -1.06 20.76 12.26
N ILE C 170 -0.03 20.39 12.99
CA ILE C 170 0.20 20.92 14.33
C ILE C 170 0.76 22.34 14.33
N TYR C 171 0.31 23.13 15.28
CA TYR C 171 0.82 24.49 15.45
C TYR C 171 1.57 24.54 16.76
N ASN C 172 2.82 25.00 16.68
CA ASN C 172 3.70 25.07 17.85
C ASN C 172 4.11 26.47 18.27
N ALA C 173 4.35 26.62 19.57
CA ALA C 173 4.74 27.90 20.16
C ALA C 173 5.96 28.48 19.44
N SER C 174 5.82 29.69 18.90
CA SER C 174 6.91 30.32 18.17
C SER C 174 8.04 30.71 19.10
N ALA C 175 7.75 30.76 20.40
CA ALA C 175 8.77 31.12 21.37
C ALA C 175 8.35 30.68 22.74
N ALA C 176 9.32 30.42 23.59
CA ALA C 176 9.06 30.00 24.97
C ALA C 176 8.53 31.22 25.71
N GLY C 177 7.66 30.97 26.68
CA GLY C 177 7.11 32.07 27.45
C GLY C 177 5.80 31.64 28.04
N LYS C 178 5.02 32.60 28.49
CA LYS C 178 3.73 32.33 29.11
C LYS C 178 2.59 32.93 28.28
N ILE C 179 1.48 32.21 28.24
CA ILE C 179 0.35 32.68 27.47
C ILE C 179 -0.40 33.74 28.26
N VAL C 180 -0.37 34.97 27.76
CA VAL C 180 -1.04 36.06 28.44
C VAL C 180 -2.48 36.22 27.97
N ALA C 181 -2.78 35.75 26.77
CA ALA C 181 -4.13 35.86 26.25
C ALA C 181 -4.38 35.05 24.99
N ILE C 182 -5.60 34.56 24.87
CA ILE C 182 -5.99 33.79 23.72
C ILE C 182 -7.23 34.46 23.14
N THR C 183 -7.10 34.98 21.94
CA THR C 183 -8.19 35.66 21.27
C THR C 183 -8.61 34.88 20.03
N ALA C 184 -9.79 35.19 19.53
CA ALA C 184 -10.28 34.51 18.32
C ALA C 184 -9.73 35.22 17.10
N LEU C 185 -9.17 34.44 16.16
CA LEU C 185 -8.60 35.02 14.96
C LEU C 185 -9.70 35.72 14.17
N SER C 186 -10.85 35.08 14.09
CA SER C 186 -12.00 35.63 13.38
C SER C 186 -13.22 35.45 14.25
N GLU C 187 -14.06 36.49 14.32
CA GLU C 187 -15.27 36.40 15.12
C GLU C 187 -16.13 35.27 14.62
N LYS C 188 -16.51 35.39 13.35
CA LYS C 188 -17.38 34.43 12.70
C LYS C 188 -16.73 33.38 11.80
N LYS C 189 -15.48 33.03 12.06
CA LYS C 189 -14.85 32.02 11.22
C LYS C 189 -13.81 31.18 11.93
N GLY C 190 -13.59 31.46 13.22
CA GLY C 190 -12.67 30.67 14.00
C GLY C 190 -11.19 31.00 13.93
N GLY C 191 -10.40 30.16 14.60
CA GLY C 191 -8.97 30.38 14.63
C GLY C 191 -8.66 31.18 15.88
N PHE C 192 -7.38 31.31 16.19
CA PHE C 192 -6.95 32.02 17.38
C PHE C 192 -5.67 32.79 17.20
N GLU C 193 -5.43 33.62 18.20
CA GLU C 193 -4.24 34.43 18.30
C GLU C 193 -3.81 34.13 19.72
N VAL C 194 -2.66 33.47 19.85
CA VAL C 194 -2.14 33.12 21.16
C VAL C 194 -0.97 34.04 21.48
N SER C 195 -1.14 34.83 22.54
CA SER C 195 -0.11 35.76 22.97
C SER C 195 0.81 35.13 23.99
N ILE C 196 2.09 35.16 23.67
CA ILE C 196 3.10 34.58 24.51
C ILE C 196 4.07 35.67 24.94
N GLU C 197 4.15 35.89 26.25
CA GLU C 197 5.05 36.89 26.83
C GLU C 197 6.37 36.20 27.11
N LYS C 198 7.36 36.46 26.26
CA LYS C 198 8.70 35.86 26.35
C LYS C 198 9.42 36.16 27.65
N ALA C 199 10.58 35.53 27.82
CA ALA C 199 11.39 35.72 29.03
C ALA C 199 11.77 37.18 29.13
N ASN C 200 12.01 37.79 27.98
CA ASN C 200 12.39 39.20 27.93
C ASN C 200 11.23 40.18 28.12
N GLY C 201 10.07 39.67 28.55
CA GLY C 201 8.93 40.56 28.77
C GLY C 201 8.07 40.89 27.56
N GLU C 202 8.68 40.88 26.38
CA GLU C 202 7.99 41.18 25.13
C GLU C 202 6.77 40.25 24.90
N VAL C 203 6.03 40.51 23.83
CA VAL C 203 4.86 39.69 23.51
C VAL C 203 4.79 39.33 22.03
N VAL C 204 4.71 38.03 21.76
CA VAL C 204 4.61 37.56 20.38
C VAL C 204 3.23 36.95 20.21
N VAL C 205 2.66 37.11 19.02
CA VAL C 205 1.33 36.60 18.78
C VAL C 205 1.42 35.47 17.78
N ASP C 206 0.99 34.30 18.20
CA ASP C 206 1.00 33.12 17.35
C ASP C 206 -0.41 33.00 16.77
N LYS C 207 -0.50 33.08 15.44
CA LYS C 207 -1.77 32.96 14.76
C LYS C 207 -2.06 31.51 14.48
N ILE C 208 -3.24 31.05 14.88
CA ILE C 208 -3.65 29.68 14.61
C ILE C 208 -4.86 29.68 13.70
N PRO C 209 -4.76 29.00 12.54
CA PRO C 209 -5.90 28.96 11.60
C PRO C 209 -7.01 28.12 12.21
N ALA C 210 -8.22 28.30 11.71
CA ALA C 210 -9.32 27.47 12.15
C ALA C 210 -9.00 26.12 11.49
N GLY C 211 -9.38 25.03 12.17
CA GLY C 211 -9.13 23.70 11.65
C GLY C 211 -8.67 22.83 12.80
N PRO C 212 -7.45 23.08 13.28
CA PRO C 212 -6.86 22.32 14.40
C PRO C 212 -7.48 22.72 15.74
N ASP C 213 -7.54 21.78 16.68
CA ASP C 213 -8.09 22.08 17.99
C ASP C 213 -7.02 22.69 18.86
N LEU C 214 -7.39 23.79 19.51
CA LEU C 214 -6.47 24.49 20.38
C LEU C 214 -6.38 23.67 21.64
N ILE C 215 -5.18 23.48 22.17
CA ILE C 215 -5.05 22.71 23.41
C ILE C 215 -4.44 23.49 24.59
N VAL C 216 -4.03 24.73 24.36
CA VAL C 216 -3.44 25.52 25.44
C VAL C 216 -4.45 26.53 26.01
N LYS C 217 -4.15 27.09 27.18
CA LYS C 217 -5.04 28.07 27.83
C LYS C 217 -4.30 29.23 28.47
N GLU C 218 -4.98 30.35 28.63
CA GLU C 218 -4.40 31.55 29.24
C GLU C 218 -3.76 31.26 30.58
N GLY C 219 -2.57 31.79 30.80
CA GLY C 219 -1.88 31.56 32.05
C GLY C 219 -0.97 30.37 31.99
N GLN C 220 -1.18 29.52 30.99
CA GLN C 220 -0.34 28.35 30.82
C GLN C 220 1.01 28.84 30.32
N THR C 221 2.09 28.29 30.88
CA THR C 221 3.39 28.69 30.41
C THR C 221 3.79 27.61 29.45
N VAL C 222 4.34 28.03 28.32
CA VAL C 222 4.73 27.09 27.29
C VAL C 222 6.20 27.18 26.97
N GLN C 223 6.76 26.07 26.50
CA GLN C 223 8.15 26.01 26.13
C GLN C 223 8.18 26.27 24.64
N ALA C 224 9.32 26.69 24.09
CA ALA C 224 9.40 26.95 22.65
C ALA C 224 9.14 25.66 21.87
N ASP C 225 8.43 25.79 20.75
CA ASP C 225 8.07 24.67 19.87
C ASP C 225 7.05 23.70 20.47
N GLN C 226 6.66 23.93 21.71
CA GLN C 226 5.66 23.09 22.34
C GLN C 226 4.38 23.29 21.51
N PRO C 227 3.59 22.21 21.33
CA PRO C 227 2.34 22.28 20.56
C PRO C 227 1.22 23.05 21.21
N LEU C 228 0.59 23.93 20.43
CA LEU C 228 -0.52 24.73 20.91
C LEU C 228 -1.83 24.11 20.45
N THR C 229 -1.73 23.08 19.60
CA THR C 229 -2.91 22.39 19.08
C THR C 229 -2.64 20.90 18.99
N ASN C 230 -3.66 20.15 18.55
CA ASN C 230 -3.50 18.73 18.34
C ASN C 230 -2.99 18.65 16.91
N ASN C 231 -2.86 17.45 16.39
CA ASN C 231 -2.45 17.24 15.00
C ASN C 231 -3.72 16.67 14.41
N PRO C 232 -4.50 17.51 13.74
CA PRO C 232 -5.78 17.14 13.12
C PRO C 232 -5.74 16.21 11.92
N ASN C 233 -4.56 16.00 11.35
CA ASN C 233 -4.45 15.17 10.15
C ASN C 233 -5.01 13.74 10.29
N VAL C 234 -5.94 13.38 9.42
CA VAL C 234 -6.55 12.03 9.47
C VAL C 234 -6.31 11.31 8.15
N GLY C 235 -5.57 11.94 7.26
CA GLY C 235 -5.31 11.33 5.98
C GLY C 235 -3.96 10.64 5.94
N GLY C 236 -3.46 10.42 4.74
CA GLY C 236 -2.17 9.79 4.61
C GLY C 236 -1.75 9.37 3.21
N PHE C 237 -0.44 9.23 3.05
CA PHE C 237 0.16 8.83 1.80
C PHE C 237 0.82 7.48 2.03
N GLY C 238 0.78 6.60 1.04
CA GLY C 238 1.42 5.31 1.19
C GLY C 238 2.09 4.89 -0.12
N GLN C 239 3.04 3.97 -0.03
CA GLN C 239 3.71 3.49 -1.22
C GLN C 239 3.52 1.99 -1.38
N ALA C 240 3.43 1.53 -2.62
CA ALA C 240 3.29 0.11 -2.89
C ALA C 240 4.05 -0.16 -4.15
N GLU C 241 4.49 -1.40 -4.28
CA GLU C 241 5.30 -1.78 -5.41
C GLU C 241 4.91 -3.15 -5.97
N THR C 242 5.06 -3.34 -7.27
CA THR C 242 4.77 -4.65 -7.83
C THR C 242 5.60 -4.87 -9.08
N GLU C 243 5.36 -5.95 -9.78
CA GLU C 243 6.13 -6.19 -11.00
C GLU C 243 5.30 -6.96 -12.00
N ILE C 244 5.69 -6.88 -13.27
CA ILE C 244 4.98 -7.59 -14.32
C ILE C 244 5.97 -8.05 -15.37
N VAL C 245 5.69 -9.21 -15.97
CA VAL C 245 6.57 -9.75 -16.99
C VAL C 245 6.10 -9.43 -18.40
N LEU C 246 6.94 -8.76 -19.18
CA LEU C 246 6.56 -8.47 -20.56
C LEU C 246 6.85 -9.78 -21.25
N GLN C 247 5.78 -10.49 -21.57
CA GLN C 247 5.84 -11.81 -22.18
C GLN C 247 6.27 -11.86 -23.64
N ASN C 248 7.18 -12.77 -23.93
CA ASN C 248 7.66 -12.98 -25.29
C ASN C 248 6.57 -13.78 -26.00
N PRO C 249 6.10 -13.31 -27.17
CA PRO C 249 5.06 -13.93 -27.99
C PRO C 249 5.31 -15.38 -28.46
N ALA C 250 6.57 -15.80 -28.45
CA ALA C 250 6.92 -17.15 -28.87
C ALA C 250 7.41 -17.96 -27.67
N ARG C 251 7.24 -19.29 -27.72
CA ARG C 251 7.69 -20.15 -26.61
C ARG C 251 8.94 -20.96 -26.98
FE HEC D . 18.03 10.79 7.53
CHA HEC D . 17.27 8.47 5.28
CHB HEC D . 20.75 11.70 5.71
CHC HEC D . 18.52 13.42 9.54
CHD HEC D . 15.55 9.68 9.48
NA HEC D . 18.88 10.18 5.87
C1A HEC D . 18.36 9.26 5.00
C2A HEC D . 19.08 9.25 3.73
C3A HEC D . 20.12 10.11 3.91
C4A HEC D . 19.98 10.67 5.22
CMA HEC D . 21.31 10.30 2.96
CAA HEC D . 18.88 8.22 2.58
CBA HEC D . 19.86 7.08 2.92
CGA HEC D . 19.77 5.89 1.97
O1A HEC D . 20.69 5.05 1.99
O2A HEC D . 18.79 5.77 1.21
NB HEC D . 19.36 12.22 7.62
C1B HEC D . 20.46 12.43 6.85
C2B HEC D . 21.25 13.58 7.29
C3B HEC D . 20.64 14.06 8.32
C4B HEC D . 19.43 13.23 8.51
CMB HEC D . 22.60 14.13 6.78
CAB HEC D . 21.17 15.06 9.15
CBB HEC D . 21.09 16.49 8.70
NC HEC D . 17.17 11.47 9.15
C1C HEC D . 17.49 12.58 9.85
C2C HEC D . 16.61 12.78 10.99
C3C HEC D . 15.76 11.69 11.00
C4C HEC D . 16.13 10.90 9.84
CMC HEC D . 16.63 14.00 11.96
CAC HEC D . 14.78 11.36 11.99
CBC HEC D . 13.59 12.35 12.14
ND HEC D . 16.73 9.36 7.38
C1D HEC D . 15.82 8.97 8.34
C2D HEC D . 15.15 7.75 7.93
C3D HEC D . 15.57 7.43 6.70
C4D HEC D . 16.56 8.45 6.37
CMD HEC D . 14.04 7.04 8.72
CAD HEC D . 14.90 6.38 5.78
CBD HEC D . 13.83 7.12 5.02
CGD HEC D . 13.15 6.28 3.94
O1D HEC D . 12.45 6.89 3.09
O2D HEC D . 13.31 5.04 3.94
FE HEC E . -17.31 -24.17 -7.41
CHA HEC E . -16.90 -27.53 -7.01
CHB HEC E . -19.42 -24.06 -4.84
CHC HEC E . -17.21 -20.80 -7.48
CHD HEC E . -15.53 -24.30 -10.16
NA HEC E . -17.99 -25.51 -6.17
C1A HEC E . -17.70 -26.83 -6.09
C2A HEC E . -18.39 -27.46 -5.02
C3A HEC E . -19.16 -26.55 -4.45
C4A HEC E . -18.93 -25.33 -5.19
CMA HEC E . -19.95 -26.75 -3.15
CAA HEC E . -18.29 -28.95 -4.67
CBA HEC E . -19.47 -29.59 -5.44
CGA HEC E . -19.56 -31.09 -5.21
O1A HEC E . -20.67 -31.63 -5.38
O2A HEC E . -18.52 -31.71 -4.87
NB HEC E . -18.10 -22.70 -6.34
C1B HEC E . -19.03 -22.84 -5.33
C2B HEC E . -19.50 -21.57 -4.90
C3B HEC E . -18.89 -20.63 -5.70
C4B HEC E . -18.02 -21.36 -6.54
CMB HEC E . -20.53 -21.33 -3.80
CAB HEC E . -19.11 -19.23 -5.67
CBB HEC E . -18.93 -18.56 -4.30
NC HEC E . -16.43 -22.81 -8.49
C1C HEC E . -16.47 -21.48 -8.40
C2C HEC E . -15.73 -20.86 -9.47
C3C HEC E . -15.23 -21.86 -10.28
C4C HEC E . -15.70 -23.06 -9.63
CMC HEC E . -15.57 -19.37 -9.78
CAC HEC E . -14.58 -21.71 -11.53
CBC HEC E . -13.46 -20.73 -11.56
ND HEC E . -16.45 -25.62 -8.42
C1D HEC E . -15.88 -25.51 -9.61
C2D HEC E . -15.48 -26.80 -10.13
C3D HEC E . -15.77 -27.72 -9.17
C4D HEC E . -16.32 -26.96 -8.09
CMD HEC E . -14.85 -27.04 -11.51
CAD HEC E . -15.62 -29.23 -9.22
CBD HEC E . -14.23 -29.69 -8.80
CGD HEC E . -14.08 -31.20 -8.89
O1D HEC E . -13.29 -31.69 -9.72
O2D HEC E . -14.76 -31.89 -8.11
C ACT F . -5.80 -6.29 -26.82
O ACT F . -5.00 -6.88 -27.59
OXT ACT F . -7.01 -6.56 -26.73
CH3 ACT F . -5.39 -4.92 -26.50
FE HEC G . -0.62 16.92 -2.32
CHA HEC G . -3.57 18.25 -1.32
CHB HEC G . -2.18 14.22 -3.49
CHC HEC G . 2.28 15.87 -3.76
CHD HEC G . 0.98 19.31 -0.73
NA HEC G . -2.51 16.35 -2.35
C1A HEC G . -3.63 17.07 -1.99
C2A HEC G . -4.84 16.39 -2.33
C3A HEC G . -4.43 15.24 -2.95
C4A HEC G . -3.00 15.21 -2.92
CMA HEC G . -5.27 14.13 -3.52
CAA HEC G . -6.22 16.83 -1.87
CBA HEC G . -6.72 15.90 -0.78
CGA HEC G . -7.97 16.40 -0.07
O1A HEC G . -8.50 15.66 0.79
O2A HEC G . -8.42 17.53 -0.34
NB HEC G . -0.04 15.39 -3.41
C1B HEC G . -0.82 14.29 -3.72
C2B HEC G . -0.06 13.26 -4.39
C3B HEC G . 1.20 13.76 -4.52
C4B HEC G . 1.18 15.08 -3.90
CMB HEC G . -0.46 11.85 -4.81
CAB HEC G . 2.28 13.06 -5.02
CBB HEC G . 2.32 12.79 -6.50
NC HEC G . 1.21 17.52 -2.32
C1C HEC G . 2.28 17.05 -3.02
C2C HEC G . 3.48 17.83 -2.77
C3C HEC G . 3.14 18.76 -1.88
C4C HEC G . 1.71 18.54 -1.60
CMC HEC G . 4.89 17.64 -3.35
CAC HEC G . 3.98 19.68 -1.25
CBC HEC G . 4.97 20.50 -2.01
ND HEC G . -1.20 18.44 -1.23
C1D HEC G . -0.37 19.27 -0.56
C2D HEC G . -1.10 20.18 0.26
C3D HEC G . -2.37 19.90 0.07
C4D HEC G . -2.43 18.86 -0.88
CMD HEC G . -0.52 21.33 1.10
CAD HEC G . -3.49 20.68 0.77
CBD HEC G . -4.13 21.77 -0.11
CGD HEC G . -5.29 22.45 0.58
O1D HEC G . -5.10 23.57 1.14
O2D HEC G . -6.39 21.85 0.58
#